data_9BQB
#
_entry.id   9BQB
#
_cell.length_a   69.798
_cell.length_b   92.536
_cell.length_c   125.585
_cell.angle_alpha   90.00
_cell.angle_beta   90.00
_cell.angle_gamma   90.00
#
_symmetry.space_group_name_H-M   'P 21 21 21'
#
loop_
_entity.id
_entity.type
_entity.pdbx_description
1 polymer 'DNA topoisomerase 2-alpha'
2 non-polymer 'PHOSPHOAMINOPHOSPHONIC ACID-ADENYLATE ESTER'
3 non-polymer 'MAGNESIUM ION'
4 non-polymer 8-(3,4-dihydroquinoline-1(2H)-carbonyl)-7-[2-(4-methylpiperazin-1-yl)ethoxy]-4-propyl-2H-1-benzopyran-2-one
5 non-polymer 'CHLORIDE ION'
6 non-polymer GLYCEROL
7 water water
#
_entity_poly.entity_id   1
_entity_poly.type   'polypeptide(L)'
_entity_poly.pdbx_seq_one_letter_code
;SNASVERIYQKKTQLEHILLRPDTYIGSVELVTQQMWVYDEDVGINYREVTFVPGLYKIFDEILVNAADNKQRDPKMSCI
RVTIDPENNLISIWNNGKGIPVVEHKVEKMYVPALIFGQLLTSSNYDDDEKKVTGGRNGYGAKLCNIFSTKFTVETASRE
YKKMFKQTWMDNMGRAGEMELKPFNGEDYTCITFQPDLSKFKMQSLDKDIVALMVRRAYDIAGSTKDVKVFLNGNKLPVK
GFRSYVDMYLKDKLDETGNSLKVIHEQVNHRWEVCLTMSEKGFQQISFVNSIATSKGGRHVDYVADQIVTKLVDVVKKKN
KGGVAVKAHQVKNHMWIFVNALIENPTFDSQTKENMTLQPKSFGSTCQLSEKFIKAAIGCGIVESILNWVKFKAQVQLN
;
_entity_poly.pdbx_strand_id   A,B
#
# COMPACT_ATOMS: atom_id res chain seq x y z
N ALA A 3 -19.17 -10.99 -27.02
CA ALA A 3 -17.73 -11.10 -27.21
C ALA A 3 -17.21 -10.05 -28.21
N SER A 4 -17.92 -8.93 -28.28
CA SER A 4 -17.50 -7.87 -29.17
C SER A 4 -16.29 -7.14 -28.60
N VAL A 5 -15.64 -6.38 -29.47
CA VAL A 5 -14.51 -5.56 -29.07
C VAL A 5 -14.94 -4.51 -28.05
N GLU A 6 -16.14 -3.95 -28.23
CA GLU A 6 -16.64 -2.91 -27.34
C GLU A 6 -17.01 -3.47 -25.98
N ARG A 7 -17.40 -4.74 -25.92
CA ARG A 7 -17.64 -5.37 -24.63
C ARG A 7 -16.33 -5.70 -23.93
N ILE A 8 -15.35 -6.22 -24.68
CA ILE A 8 -14.10 -6.65 -24.07
C ILE A 8 -13.29 -5.47 -23.56
N TYR A 9 -13.03 -4.49 -24.43
CA TYR A 9 -12.15 -3.37 -24.08
C TYR A 9 -13.00 -2.15 -23.72
N GLN A 10 -12.85 -1.65 -22.50
CA GLN A 10 -13.66 -0.54 -22.04
C GLN A 10 -12.80 0.58 -21.47
N LYS A 11 -13.33 1.81 -21.59
CA LYS A 11 -12.76 3.01 -21.02
C LYS A 11 -13.69 3.55 -19.96
N LYS A 12 -13.12 4.01 -18.84
CA LYS A 12 -13.89 4.57 -17.73
C LYS A 12 -13.53 6.02 -17.50
N THR A 13 -14.52 6.82 -17.09
CA THR A 13 -14.23 8.13 -16.55
C THR A 13 -13.57 8.00 -15.17
N GLN A 14 -12.96 9.08 -14.71
CA GLN A 14 -12.34 9.04 -13.40
C GLN A 14 -13.35 8.65 -12.31
N LEU A 15 -14.53 9.28 -12.35
CA LEU A 15 -15.57 9.01 -11.36
C LEU A 15 -16.06 7.57 -11.47
N GLU A 16 -16.29 7.09 -12.69
CA GLU A 16 -16.68 5.70 -12.85
C GLU A 16 -15.64 4.75 -12.28
N HIS A 17 -14.36 5.05 -12.52
CA HIS A 17 -13.29 4.18 -12.06
C HIS A 17 -13.23 4.08 -10.54
N ILE A 18 -13.42 5.21 -9.85
CA ILE A 18 -13.42 5.22 -8.38
C ILE A 18 -14.51 4.31 -7.84
N LEU A 19 -15.71 4.36 -8.42
CA LEU A 19 -16.79 3.52 -7.92
C LEU A 19 -16.59 2.06 -8.30
N LEU A 20 -15.97 1.80 -9.46
CA LEU A 20 -15.75 0.44 -9.93
C LEU A 20 -14.58 -0.24 -9.21
N ARG A 21 -13.54 0.54 -8.90
CA ARG A 21 -12.29 0.06 -8.32
C ARG A 21 -11.97 0.89 -7.09
N PRO A 22 -12.76 0.76 -6.02
CA PRO A 22 -12.56 1.65 -4.85
C PRO A 22 -11.29 1.37 -4.09
N ASP A 23 -10.70 0.18 -4.23
CA ASP A 23 -9.70 -0.28 -3.27
C ASP A 23 -8.46 0.59 -3.19
N THR A 24 -7.91 1.03 -4.33
CA THR A 24 -6.70 1.85 -4.19
C THR A 24 -7.01 3.28 -3.75
N TYR A 25 -8.28 3.67 -3.71
CA TYR A 25 -8.63 5.02 -3.31
C TYR A 25 -8.99 5.11 -1.82
N ILE A 26 -9.80 4.18 -1.32
CA ILE A 26 -10.29 4.24 0.05
C ILE A 26 -10.06 2.96 0.84
N GLY A 27 -9.48 1.93 0.24
CA GLY A 27 -9.35 0.64 0.88
C GLY A 27 -10.52 -0.27 0.57
N SER A 28 -10.51 -1.43 1.20
CA SER A 28 -11.49 -2.45 0.89
C SER A 28 -12.92 -1.99 1.18
N VAL A 29 -13.84 -2.36 0.31
CA VAL A 29 -15.26 -2.09 0.56
C VAL A 29 -15.98 -3.34 1.00
N GLU A 30 -15.24 -4.38 1.35
CA GLU A 30 -15.78 -5.61 1.90
C GLU A 30 -15.47 -5.67 3.39
N LEU A 31 -16.22 -6.52 4.08
CA LEU A 31 -16.06 -6.63 5.52
C LEU A 31 -14.72 -7.27 5.85
N VAL A 32 -14.12 -6.78 6.92
CA VAL A 32 -12.90 -7.33 7.50
CA VAL A 32 -12.91 -7.35 7.49
C VAL A 32 -13.18 -7.60 8.96
N THR A 33 -12.69 -8.71 9.48
CA THR A 33 -12.79 -9.04 10.89
C THR A 33 -11.38 -9.20 11.41
N GLN A 34 -10.97 -8.33 12.32
CA GLN A 34 -9.63 -8.38 12.86
C GLN A 34 -9.59 -7.66 14.19
N GLN A 35 -8.52 -7.89 14.92
CA GLN A 35 -8.33 -7.19 16.17
C GLN A 35 -7.83 -5.77 15.92
N MET A 36 -8.44 -4.82 16.64
CA MET A 36 -8.23 -3.40 16.48
C MET A 36 -8.29 -2.76 17.86
N TRP A 37 -7.70 -1.58 17.98
CA TRP A 37 -7.98 -0.70 19.11
C TRP A 37 -9.23 0.14 18.81
N VAL A 38 -10.16 0.17 19.76
CA VAL A 38 -11.39 0.96 19.66
C VAL A 38 -11.60 1.67 20.99
N TYR A 39 -12.56 2.60 20.99
CA TYR A 39 -13.04 3.22 22.22
C TYR A 39 -14.49 2.80 22.41
N ASP A 40 -14.72 1.93 23.38
CA ASP A 40 -16.06 1.43 23.64
C ASP A 40 -16.73 2.25 24.73
N GLU A 41 -18.03 2.45 24.57
CA GLU A 41 -18.80 3.19 25.56
C GLU A 41 -18.71 2.49 26.90
N ASP A 42 -18.39 3.26 27.94
CA ASP A 42 -18.31 2.81 29.32
C ASP A 42 -17.11 1.91 29.58
N VAL A 43 -16.16 1.82 28.64
CA VAL A 43 -15.02 0.93 28.76
C VAL A 43 -13.73 1.68 28.46
N GLY A 44 -13.75 2.51 27.43
CA GLY A 44 -12.58 3.23 27.04
C GLY A 44 -11.80 2.50 25.95
N ILE A 45 -10.52 2.83 25.87
CA ILE A 45 -9.68 2.25 24.83
C ILE A 45 -9.41 0.79 25.18
N ASN A 46 -9.59 -0.09 24.19
CA ASN A 46 -9.32 -1.52 24.39
C ASN A 46 -9.11 -2.20 23.05
N TYR A 47 -8.46 -3.36 23.12
CA TYR A 47 -8.07 -4.16 21.96
C TYR A 47 -9.01 -5.35 21.85
N ARG A 48 -9.74 -5.45 20.74
CA ARG A 48 -10.68 -6.55 20.58
C ARG A 48 -10.95 -6.78 19.09
N GLU A 49 -11.60 -7.91 18.82
CA GLU A 49 -12.02 -8.20 17.46
C GLU A 49 -13.15 -7.25 17.07
N VAL A 50 -13.04 -6.68 15.88
CA VAL A 50 -14.10 -5.85 15.31
C VAL A 50 -14.35 -6.29 13.87
N THR A 51 -15.57 -6.07 13.40
CA THR A 51 -15.96 -6.32 12.02
C THR A 51 -16.41 -5.00 11.41
N PHE A 52 -15.73 -4.58 10.35
CA PHE A 52 -15.96 -3.24 9.79
C PHE A 52 -15.51 -3.22 8.33
N VAL A 53 -15.88 -2.14 7.65
CA VAL A 53 -15.51 -1.94 6.25
C VAL A 53 -14.46 -0.84 6.19
N PRO A 54 -13.22 -1.14 5.76
CA PRO A 54 -12.18 -0.10 5.75
C PRO A 54 -12.57 1.16 4.98
N GLY A 55 -13.23 1.03 3.83
CA GLY A 55 -13.52 2.22 3.05
C GLY A 55 -14.43 3.20 3.75
N LEU A 56 -15.37 2.70 4.57
CA LEU A 56 -16.23 3.58 5.35
C LEU A 56 -15.45 4.34 6.41
N TYR A 57 -14.59 3.63 7.13
CA TYR A 57 -13.71 4.28 8.10
C TYR A 57 -12.85 5.34 7.44
N LYS A 58 -12.38 5.06 6.23
CA LYS A 58 -11.47 5.96 5.54
C LYS A 58 -12.14 7.25 5.09
N ILE A 59 -13.39 7.20 4.61
CA ILE A 59 -13.97 8.47 4.14
C ILE A 59 -14.18 9.41 5.34
N PHE A 60 -14.49 8.85 6.51
CA PHE A 60 -14.50 9.64 7.74
C PHE A 60 -13.12 10.20 8.06
N ASP A 61 -12.09 9.36 7.97
CA ASP A 61 -10.73 9.79 8.22
C ASP A 61 -10.32 10.94 7.31
N GLU A 62 -10.71 10.90 6.04
CA GLU A 62 -10.29 11.95 5.12
C GLU A 62 -10.77 13.32 5.61
N ILE A 63 -12.02 13.41 6.07
CA ILE A 63 -12.55 14.70 6.51
C ILE A 63 -11.95 15.11 7.86
N LEU A 64 -11.71 14.14 8.75
CA LEU A 64 -11.13 14.46 10.05
C LEU A 64 -9.70 14.96 9.92
N VAL A 65 -8.90 14.33 9.07
CA VAL A 65 -7.54 14.81 8.85
C VAL A 65 -7.55 16.18 8.18
N ASN A 66 -8.48 16.42 7.26
CA ASN A 66 -8.59 17.75 6.66
C ASN A 66 -8.80 18.82 7.72
N ALA A 67 -9.58 18.52 8.76
CA ALA A 67 -9.80 19.49 9.83
C ALA A 67 -8.52 19.72 10.62
N ALA A 68 -7.81 18.65 10.97
CA ALA A 68 -6.54 18.79 11.66
C ALA A 68 -5.54 19.58 10.82
N ASP A 69 -5.56 19.38 9.49
CA ASP A 69 -4.67 20.13 8.59
C ASP A 69 -4.88 21.63 8.72
N ASN A 70 -6.10 22.07 9.03
CA ASN A 70 -6.31 23.51 9.07
C ASN A 70 -5.56 24.16 10.23
N LYS A 71 -5.16 23.40 11.24
CA LYS A 71 -4.39 23.97 12.34
C LYS A 71 -2.99 24.37 11.88
N GLN A 72 -2.43 23.64 10.91
CA GLN A 72 -1.16 24.06 10.32
C GLN A 72 -1.36 25.30 9.45
N ARG A 73 -2.45 25.33 8.69
CA ARG A 73 -2.74 26.49 7.85
C ARG A 73 -2.98 27.74 8.70
N ASP A 74 -3.71 27.59 9.81
CA ASP A 74 -4.04 28.71 10.67
C ASP A 74 -3.87 28.34 12.13
N PRO A 75 -2.74 28.72 12.75
CA PRO A 75 -2.51 28.38 14.17
C PRO A 75 -3.54 28.99 15.12
N LYS A 76 -4.32 29.98 14.70
CA LYS A 76 -5.38 30.49 15.55
C LYS A 76 -6.48 29.47 15.79
N MET A 77 -6.58 28.44 14.95
CA MET A 77 -7.59 27.40 15.16
C MET A 77 -7.46 26.80 16.55
N SER A 78 -8.62 26.49 17.18
CA SER A 78 -8.61 25.98 18.54
C SER A 78 -9.45 24.73 18.80
N CYS A 79 -10.35 24.32 17.88
CA CYS A 79 -11.31 23.28 18.18
C CYS A 79 -11.71 22.49 16.94
N ILE A 80 -11.92 21.19 17.14
CA ILE A 80 -12.57 20.29 16.19
C ILE A 80 -13.77 19.68 16.91
N ARG A 81 -14.94 19.70 16.27
CA ARG A 81 -16.15 19.14 16.83
C ARG A 81 -16.67 18.04 15.90
N VAL A 82 -16.81 16.84 16.42
CA VAL A 82 -17.23 15.68 15.65
C VAL A 82 -18.58 15.22 16.16
N THR A 83 -19.52 15.00 15.25
CA THR A 83 -20.84 14.47 15.60
C THR A 83 -21.10 13.22 14.78
N ILE A 84 -21.53 12.16 15.47
CA ILE A 84 -21.90 10.89 14.84
C ILE A 84 -23.33 10.58 15.26
N ASP A 85 -24.21 10.40 14.28
CA ASP A 85 -25.64 10.16 14.49
C ASP A 85 -26.05 8.94 13.70
N PRO A 86 -25.93 7.74 14.28
CA PRO A 86 -26.30 6.53 13.53
C PRO A 86 -27.75 6.50 13.13
N GLU A 87 -28.65 7.03 13.95
CA GLU A 87 -30.06 6.86 13.67
C GLU A 87 -30.45 7.57 12.37
N ASN A 88 -29.88 8.73 12.11
CA ASN A 88 -30.14 9.46 10.88
C ASN A 88 -29.03 9.33 9.86
N ASN A 89 -28.06 8.46 10.10
CA ASN A 89 -26.91 8.21 9.22
C ASN A 89 -26.21 9.51 8.82
N LEU A 90 -25.76 10.23 9.83
CA LEU A 90 -25.19 11.57 9.67
C LEU A 90 -23.89 11.67 10.42
N ILE A 91 -22.85 12.14 9.74
CA ILE A 91 -21.58 12.49 10.36
C ILE A 91 -21.30 13.94 10.06
N SER A 92 -20.87 14.69 11.06
CA SER A 92 -20.54 16.10 10.87
C SER A 92 -19.21 16.41 11.54
N ILE A 93 -18.34 17.12 10.83
CA ILE A 93 -17.04 17.53 11.35
C ILE A 93 -16.84 19.02 11.13
N TRP A 94 -16.64 19.75 12.24
CA TRP A 94 -16.58 21.21 12.28
C TRP A 94 -15.22 21.61 12.81
N ASN A 95 -14.64 22.69 12.25
CA ASN A 95 -13.42 23.24 12.79
C ASN A 95 -13.48 24.76 12.70
N ASN A 96 -12.69 25.44 13.54
CA ASN A 96 -12.59 26.88 13.44
C ASN A 96 -11.20 27.25 12.91
N GLY A 97 -10.78 28.48 13.11
CA GLY A 97 -9.68 29.00 12.30
C GLY A 97 -10.19 29.37 10.91
N LYS A 98 -9.25 29.77 10.06
CA LYS A 98 -9.56 30.37 8.77
C LYS A 98 -10.44 29.48 7.88
N GLY A 99 -11.52 30.08 7.36
CA GLY A 99 -12.35 29.39 6.41
C GLY A 99 -11.74 29.39 5.02
N ILE A 100 -12.40 28.69 4.11
CA ILE A 100 -11.93 28.63 2.73
C ILE A 100 -12.37 29.92 2.05
N PRO A 101 -11.54 30.53 1.19
CA PRO A 101 -11.95 31.80 0.57
C PRO A 101 -13.25 31.61 -0.21
N VAL A 102 -14.22 32.49 0.04
CA VAL A 102 -15.53 32.41 -0.62
C VAL A 102 -15.48 33.43 -1.76
N VAL A 103 -14.99 32.97 -2.91
CA VAL A 103 -14.67 33.83 -4.04
C VAL A 103 -14.53 32.95 -5.28
N GLU A 104 -14.74 33.56 -6.44
CA GLU A 104 -14.61 32.83 -7.70
C GLU A 104 -13.14 32.66 -8.07
N HIS A 105 -12.75 31.41 -8.29
CA HIS A 105 -11.45 31.07 -8.85
C HIS A 105 -11.38 31.53 -10.31
N LYS A 106 -10.43 32.40 -10.62
CA LYS A 106 -10.43 33.06 -11.93
CA LYS A 106 -10.44 33.06 -11.93
C LYS A 106 -9.98 32.14 -13.06
N VAL A 107 -9.27 31.05 -12.74
CA VAL A 107 -8.80 30.13 -13.77
C VAL A 107 -9.81 29.04 -14.04
N GLU A 108 -10.35 28.42 -12.97
CA GLU A 108 -11.34 27.36 -13.11
C GLU A 108 -12.76 27.88 -13.21
N LYS A 109 -12.97 29.18 -13.00
CA LYS A 109 -14.26 29.83 -13.22
C LYS A 109 -15.36 29.19 -12.39
N MET A 110 -15.09 29.01 -11.10
CA MET A 110 -16.10 28.59 -10.14
C MET A 110 -15.60 28.93 -8.74
N TYR A 111 -16.54 28.97 -7.78
CA TYR A 111 -16.20 29.34 -6.42
C TYR A 111 -15.28 28.31 -5.79
N VAL A 112 -14.33 28.80 -4.98
CA VAL A 112 -13.27 27.92 -4.50
C VAL A 112 -13.81 26.71 -3.75
N PRO A 113 -14.74 26.86 -2.80
CA PRO A 113 -15.22 25.67 -2.09
C PRO A 113 -15.83 24.64 -3.03
N ALA A 114 -16.58 25.10 -4.03
CA ALA A 114 -17.19 24.17 -4.98
C ALA A 114 -16.12 23.46 -5.80
N LEU A 115 -15.03 24.16 -6.14
CA LEU A 115 -13.93 23.56 -6.88
C LEU A 115 -13.26 22.45 -6.09
N ILE A 116 -12.86 22.73 -4.85
CA ILE A 116 -11.99 21.80 -4.15
C ILE A 116 -12.76 20.72 -3.39
N PHE A 117 -14.09 20.78 -3.32
CA PHE A 117 -14.87 19.68 -2.78
C PHE A 117 -15.66 18.92 -3.86
N GLY A 118 -15.79 19.46 -5.07
CA GLY A 118 -16.62 18.84 -6.09
C GLY A 118 -15.95 18.46 -7.38
N GLN A 119 -14.65 18.75 -7.51
CA GLN A 119 -13.87 18.41 -8.70
C GLN A 119 -12.66 17.61 -8.27
N LEU A 120 -12.40 16.48 -8.94
CA LEU A 120 -11.25 15.65 -8.60
C LEU A 120 -9.94 16.36 -8.90
N LEU A 121 -8.89 15.96 -8.16
CA LEU A 121 -7.51 16.43 -8.35
C LEU A 121 -7.41 17.94 -8.12
N THR A 122 -7.93 18.39 -6.98
CA THR A 122 -7.90 19.80 -6.58
C THR A 122 -7.30 19.90 -5.18
N SER A 123 -6.36 20.81 -5.00
CA SER A 123 -5.60 20.80 -3.74
C SER A 123 -4.82 22.10 -3.58
N SER A 124 -4.53 22.43 -2.32
CA SER A 124 -3.54 23.45 -1.98
C SER A 124 -2.16 22.87 -1.69
N ASN A 125 -1.98 21.57 -1.89
CA ASN A 125 -0.76 20.85 -1.53
C ASN A 125 0.03 20.38 -2.73
N TYR A 126 -0.16 21.01 -3.89
CA TYR A 126 0.50 20.57 -5.11
C TYR A 126 1.84 21.27 -5.37
N ASP A 127 2.24 22.25 -4.56
CA ASP A 127 3.51 22.95 -4.76
C ASP A 127 4.49 22.52 -3.66
N ASP A 128 5.36 21.57 -3.98
CA ASP A 128 6.25 21.02 -2.97
C ASP A 128 7.53 21.85 -2.76
N ASP A 129 7.66 23.01 -3.41
CA ASP A 129 8.61 24.00 -2.91
C ASP A 129 8.18 24.53 -1.55
N GLU A 130 6.88 24.44 -1.25
CA GLU A 130 6.37 24.70 0.09
C GLU A 130 6.54 23.42 0.91
N LYS A 131 7.31 23.51 2.00
CA LYS A 131 7.59 22.32 2.81
C LYS A 131 6.57 22.26 3.94
N LYS A 132 5.45 21.60 3.67
CA LYS A 132 4.31 21.59 4.58
C LYS A 132 4.25 20.30 5.40
N VAL A 133 3.69 20.41 6.61
CA VAL A 133 3.48 19.23 7.45
C VAL A 133 1.99 18.98 7.63
N THR A 134 1.19 19.34 6.62
CA THR A 134 -0.17 18.87 6.48
C THR A 134 -0.20 17.40 6.06
N GLY A 135 -1.31 16.72 6.38
CA GLY A 135 -1.52 15.38 5.88
C GLY A 135 -1.98 15.32 4.43
N GLY A 136 -2.57 16.40 3.94
CA GLY A 136 -3.04 16.42 2.57
C GLY A 136 -1.90 16.47 1.56
N ARG A 137 -2.04 15.64 0.52
CA ARG A 137 -1.01 15.55 -0.50
C ARG A 137 -1.58 15.47 -1.92
N ASN A 138 -2.69 14.75 -2.14
CA ASN A 138 -3.03 14.30 -3.48
C ASN A 138 -4.23 14.98 -4.14
N GLY A 139 -5.07 15.69 -3.39
CA GLY A 139 -6.24 16.35 -3.96
C GLY A 139 -7.43 15.45 -4.20
N TYR A 140 -7.55 14.34 -3.47
CA TYR A 140 -8.62 13.37 -3.60
C TYR A 140 -9.56 13.30 -2.40
N GLY A 141 -9.02 13.39 -1.18
CA GLY A 141 -9.71 12.87 -0.01
C GLY A 141 -11.15 13.34 0.16
N ALA A 142 -11.37 14.66 0.07
CA ALA A 142 -12.70 15.20 0.30
C ALA A 142 -13.67 14.79 -0.80
N LYS A 143 -13.19 14.74 -2.04
CA LYS A 143 -14.02 14.25 -3.13
C LYS A 143 -14.34 12.77 -2.98
N LEU A 144 -13.41 11.97 -2.43
CA LEU A 144 -13.73 10.56 -2.20
C LEU A 144 -14.85 10.42 -1.18
N CYS A 145 -14.83 11.23 -0.12
CA CYS A 145 -15.94 11.18 0.83
C CYS A 145 -17.26 11.55 0.15
N ASN A 146 -17.24 12.62 -0.65
CA ASN A 146 -18.41 13.04 -1.44
C ASN A 146 -18.93 11.90 -2.32
N ILE A 147 -18.02 11.26 -3.08
CA ILE A 147 -18.41 10.20 -4.01
C ILE A 147 -19.05 9.02 -3.29
N PHE A 148 -18.60 8.73 -2.07
CA PHE A 148 -19.17 7.62 -1.31
C PHE A 148 -20.21 8.08 -0.30
N SER A 149 -20.86 9.21 -0.57
CA SER A 149 -21.98 9.72 0.22
C SER A 149 -23.22 9.90 -0.65
N THR A 150 -24.38 9.69 -0.03
CA THR A 150 -25.64 10.03 -0.68
C THR A 150 -25.97 11.52 -0.55
N LYS A 151 -25.40 12.19 0.45
CA LYS A 151 -25.60 13.61 0.70
C LYS A 151 -24.30 14.13 1.31
N PHE A 152 -23.78 15.22 0.78
CA PHE A 152 -22.49 15.76 1.23
C PHE A 152 -22.57 17.27 1.21
N THR A 153 -22.53 17.90 2.39
CA THR A 153 -22.71 19.34 2.52
C THR A 153 -21.42 20.02 2.99
N VAL A 154 -21.07 21.11 2.30
CA VAL A 154 -19.92 21.95 2.65
C VAL A 154 -20.45 23.32 3.08
N GLU A 155 -20.10 23.74 4.29
CA GLU A 155 -20.40 25.08 4.80
C GLU A 155 -19.09 25.69 5.27
N THR A 156 -18.75 26.89 4.80
CA THR A 156 -17.50 27.52 5.20
C THR A 156 -17.68 29.02 5.13
N ALA A 157 -17.08 29.73 6.07
CA ALA A 157 -17.27 31.16 6.24
C ALA A 157 -15.92 31.86 6.24
N SER A 158 -15.82 32.97 5.50
CA SER A 158 -14.55 33.67 5.29
C SER A 158 -14.76 35.14 5.60
N ARG A 159 -14.28 35.60 6.75
CA ARG A 159 -14.38 37.03 7.04
C ARG A 159 -13.57 37.85 6.04
N GLU A 160 -12.43 37.33 5.58
CA GLU A 160 -11.64 38.09 4.62
C GLU A 160 -12.48 38.51 3.41
N TYR A 161 -13.33 37.60 2.92
CA TYR A 161 -14.20 37.88 1.78
C TYR A 161 -15.61 38.29 2.21
N LYS A 162 -15.87 38.36 3.51
CA LYS A 162 -17.15 38.81 4.04
C LYS A 162 -18.33 37.98 3.50
N LYS A 163 -18.13 36.68 3.37
CA LYS A 163 -19.19 35.84 2.83
C LYS A 163 -19.10 34.44 3.44
N MET A 164 -20.24 33.77 3.50
CA MET A 164 -20.32 32.36 3.84
C MET A 164 -20.88 31.59 2.65
N PHE A 165 -20.35 30.38 2.43
CA PHE A 165 -20.68 29.50 1.33
C PHE A 165 -21.36 28.26 1.88
N LYS A 166 -22.41 27.80 1.20
CA LYS A 166 -23.00 26.51 1.55
C LYS A 166 -23.56 25.81 0.32
N GLN A 167 -23.22 24.53 0.17
CA GLN A 167 -23.74 23.75 -0.95
C GLN A 167 -23.72 22.28 -0.61
N THR A 168 -24.72 21.57 -1.13
CA THR A 168 -24.90 20.14 -0.90
C THR A 168 -24.77 19.40 -2.23
N TRP A 169 -23.98 18.31 -2.22
CA TRP A 169 -23.89 17.35 -3.30
C TRP A 169 -24.71 16.11 -2.94
N MET A 170 -25.22 15.43 -3.97
CA MET A 170 -26.03 14.23 -3.72
C MET A 170 -25.63 13.12 -4.69
N ASP A 171 -25.98 11.89 -4.32
CA ASP A 171 -25.97 10.77 -5.24
C ASP A 171 -24.56 10.49 -5.78
N ASN A 172 -23.62 10.29 -4.84
CA ASN A 172 -22.25 9.93 -5.19
C ASN A 172 -21.59 11.00 -6.05
N MET A 173 -21.74 12.25 -5.60
CA MET A 173 -21.22 13.44 -6.29
C MET A 173 -21.74 13.54 -7.71
N GLY A 174 -22.95 13.01 -7.95
CA GLY A 174 -23.55 13.04 -9.28
C GLY A 174 -24.31 14.30 -9.58
N ARG A 175 -24.69 15.05 -8.55
CA ARG A 175 -25.37 16.32 -8.74
C ARG A 175 -25.13 17.17 -7.50
N ALA A 176 -25.48 18.45 -7.62
CA ALA A 176 -25.40 19.39 -6.52
C ALA A 176 -26.68 20.21 -6.47
N GLY A 177 -27.06 20.61 -5.26
CA GLY A 177 -28.17 21.52 -5.07
C GLY A 177 -27.72 22.96 -5.23
N GLU A 178 -28.64 23.88 -4.92
CA GLU A 178 -28.38 25.31 -5.06
C GLU A 178 -27.26 25.77 -4.13
N MET A 179 -26.38 26.62 -4.65
CA MET A 179 -25.32 27.23 -3.85
C MET A 179 -25.91 28.43 -3.11
N GLU A 180 -25.60 28.54 -1.82
CA GLU A 180 -26.04 29.67 -1.02
C GLU A 180 -24.84 30.50 -0.62
N LEU A 181 -24.88 31.79 -0.95
CA LEU A 181 -23.89 32.76 -0.51
C LEU A 181 -24.62 33.78 0.36
N LYS A 182 -24.08 34.06 1.53
CA LYS A 182 -24.65 35.05 2.44
C LYS A 182 -23.57 35.95 2.99
N PRO A 183 -23.90 37.20 3.35
CA PRO A 183 -22.92 38.05 4.02
C PRO A 183 -22.52 37.47 5.37
N PHE A 184 -21.25 37.68 5.72
CA PHE A 184 -20.66 37.10 6.93
C PHE A 184 -19.59 38.04 7.43
N ASN A 185 -19.57 38.29 8.75
CA ASN A 185 -18.52 39.10 9.35
C ASN A 185 -18.22 38.61 10.77
N GLY A 186 -18.22 37.30 10.97
CA GLY A 186 -17.96 36.75 12.29
C GLY A 186 -16.69 35.92 12.30
N GLU A 187 -16.62 34.92 13.18
CA GLU A 187 -15.44 34.08 13.31
C GLU A 187 -15.52 32.93 12.31
N ASP A 188 -14.46 32.76 11.51
CA ASP A 188 -14.43 31.75 10.46
C ASP A 188 -14.61 30.33 11.01
N TYR A 189 -15.21 29.46 10.18
CA TYR A 189 -15.33 28.04 10.48
C TYR A 189 -15.57 27.29 9.18
N THR A 190 -15.39 25.97 9.23
CA THR A 190 -15.80 25.07 8.16
C THR A 190 -16.51 23.88 8.80
N CYS A 191 -17.61 23.45 8.17
CA CYS A 191 -18.37 22.31 8.66
C CYS A 191 -18.74 21.42 7.48
N ILE A 192 -18.31 20.17 7.53
CA ILE A 192 -18.60 19.17 6.50
C ILE A 192 -19.59 18.16 7.09
N THR A 193 -20.77 18.03 6.50
CA THR A 193 -21.79 17.10 6.97
C THR A 193 -22.13 16.11 5.86
N PHE A 194 -22.04 14.83 6.14
CA PHE A 194 -22.28 13.85 5.09
C PHE A 194 -23.05 12.64 5.59
N GLN A 195 -23.80 12.05 4.66
CA GLN A 195 -24.50 10.80 4.91
C GLN A 195 -23.80 9.74 4.08
N PRO A 196 -22.99 8.87 4.68
CA PRO A 196 -22.27 7.86 3.90
C PRO A 196 -23.24 6.95 3.15
N ASP A 197 -22.85 6.57 1.93
CA ASP A 197 -23.69 5.68 1.10
C ASP A 197 -23.41 4.24 1.55
N LEU A 198 -24.16 3.81 2.56
CA LEU A 198 -23.88 2.53 3.18
C LEU A 198 -24.10 1.38 2.22
N SER A 199 -24.89 1.58 1.16
CA SER A 199 -25.06 0.51 0.17
C SER A 199 -23.74 0.17 -0.51
N LYS A 200 -22.84 1.16 -0.67
CA LYS A 200 -21.54 0.91 -1.30
C LYS A 200 -20.64 0.04 -0.43
N PHE A 201 -20.94 -0.05 0.85
CA PHE A 201 -20.17 -0.79 1.83
C PHE A 201 -20.92 -2.01 2.35
N LYS A 202 -22.07 -2.34 1.75
CA LYS A 202 -22.91 -3.46 2.19
C LYS A 202 -23.21 -3.37 3.69
N MET A 203 -23.53 -2.16 4.12
CA MET A 203 -23.89 -1.93 5.51
CA MET A 203 -23.85 -1.86 5.51
C MET A 203 -25.29 -1.34 5.59
N GLN A 204 -25.90 -1.48 6.76
CA GLN A 204 -27.23 -0.95 7.00
C GLN A 204 -27.25 0.23 7.96
N SER A 205 -26.26 0.35 8.84
CA SER A 205 -26.23 1.50 9.73
C SER A 205 -24.81 1.65 10.26
N LEU A 206 -24.58 2.78 10.93
CA LEU A 206 -23.31 2.99 11.61
C LEU A 206 -23.40 2.22 12.93
N ASP A 207 -22.93 0.97 12.90
CA ASP A 207 -23.10 0.03 14.01
C ASP A 207 -22.04 0.26 15.08
N LYS A 208 -22.14 -0.55 16.15
CA LYS A 208 -21.31 -0.36 17.33
C LYS A 208 -19.83 -0.35 16.99
N ASP A 209 -19.39 -1.28 16.13
CA ASP A 209 -17.96 -1.42 15.88
C ASP A 209 -17.41 -0.23 15.10
N ILE A 210 -18.11 0.23 14.05
CA ILE A 210 -17.58 1.36 13.30
C ILE A 210 -17.62 2.62 14.17
N VAL A 211 -18.67 2.80 14.98
CA VAL A 211 -18.69 3.96 15.87
C VAL A 211 -17.51 3.92 16.84
N ALA A 212 -17.18 2.74 17.38
CA ALA A 212 -16.09 2.65 18.35
C ALA A 212 -14.75 2.94 17.69
N LEU A 213 -14.61 2.59 16.41
CA LEU A 213 -13.41 2.95 15.66
C LEU A 213 -13.35 4.44 15.39
N MET A 214 -14.49 5.06 15.04
CA MET A 214 -14.52 6.50 14.77
C MET A 214 -14.28 7.31 16.04
N VAL A 215 -14.87 6.90 17.15
CA VAL A 215 -14.62 7.58 18.41
C VAL A 215 -13.14 7.49 18.77
N ARG A 216 -12.53 6.30 18.61
CA ARG A 216 -11.10 6.18 18.91
C ARG A 216 -10.29 7.10 18.01
N ARG A 217 -10.66 7.20 16.74
CA ARG A 217 -9.94 8.10 15.84
C ARG A 217 -10.00 9.55 16.30
N ALA A 218 -11.14 9.98 16.86
CA ALA A 218 -11.22 11.31 17.45
C ALA A 218 -10.25 11.46 18.62
N TYR A 219 -10.12 10.43 19.45
CA TYR A 219 -9.12 10.48 20.52
C TYR A 219 -7.71 10.57 19.95
N ASP A 220 -7.44 9.85 18.83
CA ASP A 220 -6.15 9.95 18.15
C ASP A 220 -5.81 11.40 17.83
N ILE A 221 -6.78 12.12 17.24
CA ILE A 221 -6.58 13.52 16.84
C ILE A 221 -6.30 14.38 18.06
N ALA A 222 -7.05 14.14 19.15
CA ALA A 222 -6.81 14.88 20.38
C ALA A 222 -5.40 14.63 20.90
N GLY A 223 -4.90 13.39 20.71
CA GLY A 223 -3.56 13.07 21.17
C GLY A 223 -2.44 13.51 20.25
N SER A 224 -2.69 13.61 18.94
CA SER A 224 -1.62 13.83 17.98
C SER A 224 -1.47 15.30 17.60
N THR A 225 -2.51 16.11 17.76
CA THR A 225 -2.45 17.54 17.46
C THR A 225 -1.93 18.30 18.69
N LYS A 226 -1.56 19.55 18.47
CA LYS A 226 -1.18 20.47 19.54
C LYS A 226 -2.15 21.64 19.55
N ASP A 227 -2.62 22.01 20.75
CA ASP A 227 -3.44 23.21 20.94
C ASP A 227 -4.75 23.14 20.15
N VAL A 228 -5.37 21.97 20.12
CA VAL A 228 -6.70 21.79 19.57
C VAL A 228 -7.52 20.98 20.56
N LYS A 229 -8.64 21.55 21.01
CA LYS A 229 -9.62 20.78 21.78
C LYS A 229 -10.49 19.99 20.81
N VAL A 230 -10.81 18.74 21.19
CA VAL A 230 -11.64 17.88 20.36
C VAL A 230 -12.90 17.50 21.14
N PHE A 231 -14.04 17.61 20.48
CA PHE A 231 -15.33 17.25 21.05
C PHE A 231 -15.92 16.10 20.24
N LEU A 232 -16.60 15.18 20.92
CA LEU A 232 -17.31 14.08 20.29
C LEU A 232 -18.74 14.13 20.78
N ASN A 233 -19.68 14.37 19.86
CA ASN A 233 -21.09 14.52 20.20
C ASN A 233 -21.29 15.51 21.35
N GLY A 234 -20.50 16.58 21.35
CA GLY A 234 -20.66 17.66 22.27
C GLY A 234 -19.96 17.51 23.60
N ASN A 235 -19.23 16.42 23.81
CA ASN A 235 -18.49 16.19 25.04
C ASN A 235 -17.01 16.34 24.77
N LYS A 236 -16.33 17.16 25.57
CA LYS A 236 -14.90 17.38 25.39
C LYS A 236 -14.12 16.12 25.72
N LEU A 237 -13.20 15.72 24.82
CA LEU A 237 -12.35 14.56 25.08
C LEU A 237 -11.24 14.93 26.07
N PRO A 238 -11.08 14.16 27.16
CA PRO A 238 -10.11 14.54 28.21
C PRO A 238 -8.70 14.06 27.90
N VAL A 239 -8.16 14.54 26.78
CA VAL A 239 -6.81 14.22 26.35
C VAL A 239 -6.02 15.51 26.37
N LYS A 240 -4.82 15.46 26.92
CA LYS A 240 -3.95 16.63 26.90
C LYS A 240 -2.94 16.44 25.78
N GLY A 241 -1.77 15.87 26.09
CA GLY A 241 -0.75 15.64 25.10
C GLY A 241 -0.71 14.19 24.62
N PHE A 242 0.32 13.90 23.82
CA PHE A 242 0.50 12.55 23.32
C PHE A 242 0.78 11.57 24.45
N ARG A 243 1.51 11.99 25.48
CA ARG A 243 1.81 11.08 26.58
CA ARG A 243 1.81 11.07 26.57
C ARG A 243 0.54 10.62 27.27
N SER A 244 -0.42 11.54 27.50
CA SER A 244 -1.68 11.14 28.12
C SER A 244 -2.49 10.24 27.20
N TYR A 245 -2.32 10.40 25.89
CA TYR A 245 -2.99 9.50 24.94
C TYR A 245 -2.40 8.10 25.04
N VAL A 246 -1.08 7.99 25.00
CA VAL A 246 -0.42 6.70 25.13
C VAL A 246 -0.79 6.04 26.45
N ASP A 247 -0.97 6.83 27.51
CA ASP A 247 -1.31 6.27 28.81
CA ASP A 247 -1.31 6.27 28.81
C ASP A 247 -2.64 5.53 28.77
N MET A 248 -3.54 5.92 27.86
CA MET A 248 -4.82 5.22 27.76
C MET A 248 -4.64 3.78 27.30
N TYR A 249 -3.56 3.52 26.54
CA TYR A 249 -3.27 2.16 26.11
C TYR A 249 -2.57 1.34 27.19
N LEU A 250 -1.69 2.00 27.97
CA LEU A 250 -0.74 1.30 28.82
C LEU A 250 -1.06 1.32 30.30
N LYS A 251 -1.99 2.19 30.74
CA LYS A 251 -2.31 2.31 32.15
C LYS A 251 -2.68 0.96 32.74
N ASP A 252 -1.96 0.56 33.78
CA ASP A 252 -2.21 -0.65 34.55
C ASP A 252 -1.97 -1.93 33.77
N LYS A 253 -1.51 -1.88 32.53
CA LYS A 253 -1.22 -3.12 31.81
C LYS A 253 -0.02 -3.81 32.44
N LEU A 254 -0.05 -5.15 32.44
CA LEU A 254 1.00 -5.99 32.98
C LEU A 254 1.58 -6.88 31.88
N ASP A 255 2.80 -7.36 32.10
CA ASP A 255 3.34 -8.39 31.21
C ASP A 255 2.84 -9.77 31.67
N GLU A 256 3.27 -10.82 30.98
CA GLU A 256 2.72 -12.14 31.24
C GLU A 256 3.07 -12.66 32.63
N THR A 257 4.13 -12.15 33.25
CA THR A 257 4.51 -12.56 34.60
C THR A 257 3.89 -11.67 35.67
N GLY A 258 3.01 -10.76 35.30
CA GLY A 258 2.30 -9.94 36.27
C GLY A 258 2.99 -8.66 36.67
N ASN A 259 4.12 -8.32 36.04
CA ASN A 259 4.84 -7.10 36.35
C ASN A 259 4.30 -5.95 35.49
N SER A 260 4.27 -4.76 36.08
CA SER A 260 3.82 -3.57 35.37
C SER A 260 4.72 -3.31 34.17
N LEU A 261 4.12 -2.88 33.06
CA LEU A 261 4.90 -2.46 31.91
C LEU A 261 5.73 -1.23 32.26
N LYS A 262 7.01 -1.26 31.90
CA LYS A 262 7.89 -0.10 32.02
C LYS A 262 7.77 0.72 30.73
N VAL A 263 7.56 2.03 30.88
CA VAL A 263 7.26 2.91 29.76
C VAL A 263 8.29 4.04 29.74
N ILE A 264 8.98 4.16 28.61
CA ILE A 264 10.02 5.16 28.39
C ILE A 264 9.46 6.20 27.43
N HIS A 265 9.67 7.48 27.76
CA HIS A 265 9.09 8.58 26.99
C HIS A 265 10.11 9.67 26.70
N GLU A 266 10.07 10.22 25.49
CA GLU A 266 10.79 11.46 25.22
C GLU A 266 10.05 12.27 24.18
N GLN A 267 9.80 13.54 24.49
CA GLN A 267 9.41 14.52 23.48
C GLN A 267 10.75 15.06 22.96
N VAL A 268 11.18 14.54 21.81
CA VAL A 268 12.51 14.82 21.29
C VAL A 268 12.58 16.25 20.79
N ASN A 269 11.56 16.69 20.07
CA ASN A 269 11.46 18.08 19.65
C ASN A 269 10.00 18.34 19.27
N HIS A 270 9.75 19.49 18.66
CA HIS A 270 8.37 19.88 18.39
C HIS A 270 7.76 19.09 17.23
N ARG A 271 8.54 18.24 16.56
CA ARG A 271 8.03 17.41 15.48
C ARG A 271 8.10 15.92 15.76
N TRP A 272 8.64 15.49 16.90
CA TRP A 272 8.78 14.08 17.21
C TRP A 272 8.57 13.81 18.70
N GLU A 273 7.73 12.81 19.00
CA GLU A 273 7.50 12.34 20.36
C GLU A 273 7.38 10.82 20.31
N VAL A 274 8.05 10.16 21.26
CA VAL A 274 8.25 8.71 21.25
C VAL A 274 7.97 8.11 22.63
N CYS A 275 7.27 6.99 22.65
CA CYS A 275 7.14 6.15 23.83
CA CYS A 275 7.16 6.15 23.84
C CYS A 275 7.51 4.72 23.48
N LEU A 276 8.17 4.02 24.40
CA LEU A 276 8.59 2.63 24.20
C LEU A 276 8.20 1.78 25.40
N THR A 277 7.64 0.60 25.14
CA THR A 277 7.45 -0.38 26.19
C THR A 277 7.65 -1.76 25.58
N MET A 278 7.37 -2.79 26.35
CA MET A 278 7.56 -4.16 25.88
C MET A 278 6.29 -4.73 25.26
N SER A 279 6.49 -5.59 24.26
CA SER A 279 5.41 -6.32 23.63
C SER A 279 5.56 -7.81 23.89
N GLU A 280 4.43 -8.49 24.01
CA GLU A 280 4.39 -9.94 24.08
C GLU A 280 3.71 -10.57 22.86
N LYS A 281 3.53 -9.78 21.80
CA LYS A 281 2.85 -10.21 20.58
C LYS A 281 3.71 -10.00 19.34
N GLY A 282 5.03 -9.91 19.50
CA GLY A 282 5.88 -9.49 18.41
C GLY A 282 5.92 -7.98 18.29
N PHE A 283 6.67 -7.50 17.29
CA PHE A 283 6.81 -6.05 17.16
C PHE A 283 5.44 -5.41 16.97
N GLN A 284 5.20 -4.32 17.71
CA GLN A 284 3.98 -3.53 17.59
C GLN A 284 4.35 -2.06 17.48
N GLN A 285 3.61 -1.30 16.67
CA GLN A 285 3.84 0.13 16.54
C GLN A 285 2.49 0.83 16.41
N ILE A 286 2.34 1.94 17.12
CA ILE A 286 1.23 2.88 16.96
C ILE A 286 1.87 4.21 16.57
N SER A 287 1.53 4.73 15.40
CA SER A 287 2.24 5.90 14.90
C SER A 287 1.33 6.78 14.06
N PHE A 288 1.73 8.06 13.98
CA PHE A 288 1.02 9.10 13.24
C PHE A 288 2.04 9.93 12.49
N VAL A 289 1.68 10.28 11.26
CA VAL A 289 2.40 11.28 10.46
C VAL A 289 1.39 12.36 10.11
N ASN A 290 1.65 13.58 10.58
CA ASN A 290 0.79 14.72 10.25
C ASN A 290 -0.67 14.37 10.57
N SER A 291 -0.86 13.71 11.72
CA SER A 291 -2.12 13.26 12.30
C SER A 291 -2.81 12.16 11.51
N ILE A 292 -2.17 11.59 10.48
CA ILE A 292 -2.64 10.37 9.81
C ILE A 292 -2.20 9.16 10.61
N ALA A 293 -3.10 8.19 10.81
CA ALA A 293 -2.72 6.94 11.49
C ALA A 293 -1.99 6.03 10.48
N THR A 294 -0.68 5.85 10.67
CA THR A 294 0.13 5.06 9.73
C THR A 294 0.18 3.62 10.23
N SER A 295 -0.91 2.90 9.97
CA SER A 295 -1.09 1.58 10.58
C SER A 295 -0.22 0.50 9.96
N LYS A 296 0.38 0.73 8.80
CA LYS A 296 1.39 -0.19 8.27
C LYS A 296 2.80 0.29 8.57
N GLY A 297 2.95 1.45 9.20
CA GLY A 297 4.24 1.95 9.63
C GLY A 297 4.88 2.84 8.59
N GLY A 298 6.17 2.69 8.42
CA GLY A 298 6.91 3.44 7.43
C GLY A 298 8.27 3.82 7.94
N ARG A 299 8.96 4.67 7.18
CA ARG A 299 10.35 4.99 7.49
C ARG A 299 10.49 5.84 8.74
N HIS A 300 9.44 6.53 9.16
CA HIS A 300 9.49 7.25 10.44
C HIS A 300 9.57 6.27 11.61
N VAL A 301 8.82 5.17 11.55
CA VAL A 301 8.92 4.14 12.58
C VAL A 301 10.27 3.45 12.51
N ASP A 302 10.71 3.05 11.30
CA ASP A 302 12.01 2.40 11.15
C ASP A 302 13.12 3.27 11.73
N TYR A 303 13.09 4.56 11.41
CA TYR A 303 14.13 5.50 11.84
C TYR A 303 14.27 5.54 13.35
N VAL A 304 13.15 5.59 14.08
CA VAL A 304 13.19 5.62 15.54
C VAL A 304 13.52 4.24 16.10
N ALA A 305 12.81 3.21 15.62
CA ALA A 305 12.98 1.87 16.20
C ALA A 305 14.38 1.34 15.98
N ASP A 306 14.96 1.61 14.80
CA ASP A 306 16.29 1.08 14.49
C ASP A 306 17.37 1.69 15.37
N GLN A 307 17.21 2.94 15.80
CA GLN A 307 18.15 3.50 16.76
C GLN A 307 18.17 2.69 18.03
N ILE A 308 16.98 2.31 18.50
CA ILE A 308 16.85 1.54 19.72
C ILE A 308 17.42 0.14 19.50
N VAL A 309 17.03 -0.52 18.41
CA VAL A 309 17.46 -1.89 18.18
C VAL A 309 18.98 -1.98 18.15
N THR A 310 19.62 -1.08 17.41
CA THR A 310 21.07 -1.20 17.24
C THR A 310 21.79 -1.07 18.58
N LYS A 311 21.33 -0.16 19.45
CA LYS A 311 21.96 0.01 20.75
C LYS A 311 21.75 -1.22 21.63
N LEU A 312 20.53 -1.78 21.62
CA LEU A 312 20.27 -2.95 22.45
C LEU A 312 21.04 -4.16 21.93
N VAL A 313 21.13 -4.32 20.61
CA VAL A 313 21.90 -5.43 20.05
C VAL A 313 23.34 -5.35 20.54
N ASP A 314 23.91 -4.15 20.54
CA ASP A 314 25.29 -3.99 20.99
C ASP A 314 25.44 -4.41 22.45
N VAL A 315 24.46 -4.05 23.29
CA VAL A 315 24.53 -4.45 24.69
C VAL A 315 24.54 -5.97 24.80
N VAL A 316 23.68 -6.64 24.02
CA VAL A 316 23.61 -8.09 24.08
C VAL A 316 24.93 -8.72 23.64
N LYS A 317 25.54 -8.15 22.61
CA LYS A 317 26.82 -8.69 22.14
C LYS A 317 27.90 -8.56 23.20
N LYS A 318 27.89 -7.46 23.97
CA LYS A 318 28.85 -7.31 25.07
C LYS A 318 28.76 -8.47 26.06
N LYS A 319 27.57 -9.03 26.23
CA LYS A 319 27.30 -10.05 27.23
C LYS A 319 27.08 -11.43 26.63
N ASN A 320 27.68 -11.71 25.48
CA ASN A 320 27.46 -12.97 24.77
C ASN A 320 28.68 -13.36 23.92
N ALA A 325 25.48 -13.83 17.81
CA ALA A 325 24.44 -14.84 17.93
C ALA A 325 23.05 -14.21 17.78
N VAL A 326 22.78 -13.11 18.51
CA VAL A 326 21.44 -12.51 18.47
C VAL A 326 21.27 -11.67 17.20
N LYS A 327 20.05 -11.64 16.69
CA LYS A 327 19.74 -10.92 15.47
C LYS A 327 18.78 -9.77 15.76
N ALA A 328 18.87 -8.75 14.91
CA ALA A 328 18.08 -7.53 15.13
C ALA A 328 16.59 -7.84 15.26
N HIS A 329 16.07 -8.74 14.41
CA HIS A 329 14.63 -8.99 14.45
C HIS A 329 14.22 -9.58 15.80
N GLN A 330 15.11 -10.29 16.48
CA GLN A 330 14.80 -10.84 17.78
C GLN A 330 14.63 -9.74 18.83
N VAL A 331 15.49 -8.74 18.78
CA VAL A 331 15.32 -7.58 19.66
C VAL A 331 14.03 -6.85 19.33
N LYS A 332 13.80 -6.61 18.03
CA LYS A 332 12.64 -5.81 17.64
C LYS A 332 11.34 -6.49 18.05
N ASN A 333 11.32 -7.81 18.09
CA ASN A 333 10.04 -8.45 18.37
C ASN A 333 9.62 -8.33 19.83
N HIS A 334 10.46 -7.76 20.70
CA HIS A 334 10.05 -7.43 22.06
C HIS A 334 9.54 -6.00 22.24
N MET A 335 9.51 -5.20 21.18
CA MET A 335 9.25 -3.78 21.31
C MET A 335 7.82 -3.40 20.93
N TRP A 336 7.23 -2.49 21.72
CA TRP A 336 5.98 -1.80 21.39
C TRP A 336 6.29 -0.32 21.39
N ILE A 337 6.26 0.32 20.23
CA ILE A 337 6.70 1.71 20.09
C ILE A 337 5.53 2.58 19.64
N PHE A 338 5.48 3.80 20.19
CA PHE A 338 4.52 4.84 19.85
C PHE A 338 5.31 6.02 19.29
N VAL A 339 4.90 6.54 18.13
CA VAL A 339 5.63 7.63 17.46
C VAL A 339 4.61 8.62 16.91
N ASN A 340 4.73 9.89 17.31
CA ASN A 340 3.97 10.98 16.71
C ASN A 340 4.94 11.90 15.99
N ALA A 341 4.80 12.03 14.66
CA ALA A 341 5.76 12.76 13.85
C ALA A 341 5.11 13.76 12.92
N LEU A 342 5.83 14.86 12.67
CA LEU A 342 5.51 15.85 11.64
C LEU A 342 6.60 15.77 10.57
N ILE A 343 6.19 15.41 9.35
CA ILE A 343 7.07 15.10 8.23
C ILE A 343 6.74 16.05 7.08
N GLU A 344 7.76 16.63 6.46
CA GLU A 344 7.52 17.51 5.31
C GLU A 344 7.18 16.71 4.06
N ASN A 345 6.10 17.09 3.40
CA ASN A 345 5.69 16.56 2.10
C ASN A 345 5.86 15.03 2.03
N PRO A 346 5.21 14.30 2.92
CA PRO A 346 5.39 12.85 2.95
C PRO A 346 4.84 12.15 1.71
N THR A 347 5.42 11.00 1.42
CA THR A 347 4.95 10.08 0.40
C THR A 347 4.48 8.79 1.07
N PHE A 348 3.53 8.12 0.41
CA PHE A 348 2.92 6.89 0.89
C PHE A 348 2.73 5.94 -0.29
N ASP A 349 2.46 4.67 0.00
CA ASP A 349 2.19 3.68 -1.05
C ASP A 349 0.85 3.94 -1.75
N SER A 350 -0.11 4.52 -1.05
CA SER A 350 -1.49 4.60 -1.54
C SER A 350 -2.17 5.84 -0.98
N GLN A 351 -3.33 6.15 -1.56
CA GLN A 351 -4.17 7.24 -1.06
C GLN A 351 -4.55 7.04 0.40
N THR A 352 -4.63 5.79 0.89
CA THR A 352 -5.07 5.56 2.26
C THR A 352 -3.99 5.93 3.28
N LYS A 353 -2.73 6.08 2.85
CA LYS A 353 -1.64 6.64 3.64
C LYS A 353 -1.37 5.84 4.92
N GLU A 354 -1.37 4.52 4.78
CA GLU A 354 -1.05 3.64 5.90
C GLU A 354 0.43 3.37 6.05
N ASN A 355 1.23 3.54 4.99
CA ASN A 355 2.66 3.26 5.01
C ASN A 355 3.41 4.45 4.44
N MET A 356 4.23 5.10 5.26
CA MET A 356 4.91 6.34 4.88
C MET A 356 6.32 6.00 4.38
N THR A 357 6.58 6.30 3.10
CA THR A 357 7.74 5.78 2.38
C THR A 357 8.89 6.78 2.20
N LEU A 358 8.74 8.01 2.65
CA LEU A 358 9.76 9.02 2.44
C LEU A 358 11.03 8.69 3.20
N GLN A 359 12.19 8.86 2.56
CA GLN A 359 13.45 8.56 3.20
CA GLN A 359 13.44 8.55 3.21
C GLN A 359 13.77 9.58 4.29
N PRO A 360 14.41 9.16 5.39
CA PRO A 360 14.72 10.11 6.47
C PRO A 360 15.49 11.35 6.04
N LYS A 361 16.39 11.24 5.06
CA LYS A 361 17.14 12.40 4.64
C LYS A 361 16.24 13.53 4.12
N SER A 362 14.97 13.22 3.83
CA SER A 362 14.04 14.20 3.29
C SER A 362 12.94 14.59 4.29
N PHE A 363 13.02 14.12 5.54
CA PHE A 363 11.94 14.38 6.49
C PHE A 363 11.77 15.88 6.77
N GLY A 364 12.86 16.65 6.70
CA GLY A 364 12.85 18.02 7.14
C GLY A 364 13.20 18.23 8.60
N SER A 365 13.46 17.16 9.34
CA SER A 365 13.84 17.23 10.75
C SER A 365 14.50 15.90 11.09
N THR A 366 15.15 15.86 12.24
CA THR A 366 15.77 14.65 12.76
C THR A 366 15.15 14.31 14.12
N CYS A 367 15.44 13.08 14.56
CA CYS A 367 14.93 12.54 15.82
C CYS A 367 16.01 11.61 16.38
N GLN A 368 17.05 12.19 16.96
CA GLN A 368 18.07 11.41 17.64
CA GLN A 368 18.07 11.42 17.64
C GLN A 368 17.68 11.30 19.11
N LEU A 369 17.34 10.09 19.54
CA LEU A 369 16.92 9.85 20.92
C LEU A 369 18.04 10.18 21.90
N SER A 370 17.67 10.71 23.06
CA SER A 370 18.67 11.16 24.03
C SER A 370 19.42 9.99 24.65
N GLU A 371 20.59 10.29 25.22
CA GLU A 371 21.32 9.29 25.99
C GLU A 371 20.48 8.80 27.16
N LYS A 372 19.71 9.70 27.77
CA LYS A 372 18.82 9.31 28.86
C LYS A 372 17.79 8.28 28.40
N PHE A 373 17.15 8.54 27.25
CA PHE A 373 16.17 7.58 26.73
C PHE A 373 16.80 6.22 26.47
N ILE A 374 17.97 6.22 25.82
CA ILE A 374 18.60 4.96 25.45
C ILE A 374 19.00 4.17 26.69
N LYS A 375 19.51 4.86 27.72
CA LYS A 375 19.86 4.15 28.95
C LYS A 375 18.63 3.51 29.59
N ALA A 376 17.51 4.23 29.60
CA ALA A 376 16.28 3.67 30.16
C ALA A 376 15.80 2.48 29.33
N ALA A 377 15.93 2.56 28.00
CA ALA A 377 15.55 1.43 27.16
C ALA A 377 16.45 0.23 27.41
N ILE A 378 17.73 0.45 27.71
CA ILE A 378 18.63 -0.65 27.98
C ILE A 378 18.21 -1.41 29.22
N GLY A 379 17.67 -0.70 30.22
CA GLY A 379 17.16 -1.34 31.43
C GLY A 379 15.67 -1.58 31.37
N CYS A 380 15.16 -1.74 30.16
CA CYS A 380 13.73 -1.86 29.88
C CYS A 380 13.18 -3.24 30.17
N GLY A 381 14.03 -4.27 30.21
CA GLY A 381 13.59 -5.65 30.27
C GLY A 381 13.71 -6.40 28.95
N ILE A 382 14.03 -5.71 27.86
CA ILE A 382 14.24 -6.40 26.59
C ILE A 382 15.57 -7.16 26.62
N VAL A 383 16.65 -6.46 26.99
CA VAL A 383 17.94 -7.12 27.09
C VAL A 383 17.84 -8.34 27.99
N GLU A 384 17.10 -8.21 29.10
CA GLU A 384 16.91 -9.33 30.01
C GLU A 384 16.30 -10.52 29.29
N SER A 385 15.12 -10.33 28.69
CA SER A 385 14.44 -11.42 28.00
C SER A 385 15.39 -12.10 27.02
N ILE A 386 16.07 -11.31 26.19
CA ILE A 386 16.96 -11.87 25.18
C ILE A 386 18.02 -12.74 25.84
N LEU A 387 18.65 -12.24 26.90
CA LEU A 387 19.77 -12.95 27.49
C LEU A 387 19.33 -14.24 28.17
N ASN A 388 18.09 -14.29 28.68
CA ASN A 388 17.56 -15.58 29.12
C ASN A 388 17.47 -16.56 27.95
N TRP A 389 17.18 -16.06 26.75
CA TRP A 389 17.03 -16.94 25.60
C TRP A 389 18.36 -17.55 25.18
N VAL A 390 19.40 -16.72 25.06
CA VAL A 390 20.69 -17.25 24.64
C VAL A 390 21.24 -18.23 25.68
N LYS A 391 20.78 -18.14 26.94
CA LYS A 391 21.14 -19.16 27.92
C LYS A 391 20.60 -20.52 27.49
N PHE A 392 19.37 -20.56 27.02
CA PHE A 392 18.80 -21.76 26.42
C PHE A 392 19.35 -21.96 25.01
N ALA B 3 0.31 34.66 -3.31
CA ALA B 3 -0.75 34.46 -2.34
C ALA B 3 -2.12 34.49 -3.01
N SER B 4 -2.15 34.49 -4.34
CA SER B 4 -3.43 34.52 -5.03
C SER B 4 -4.17 33.20 -4.83
N VAL B 5 -5.49 33.29 -4.82
CA VAL B 5 -6.33 32.09 -4.72
C VAL B 5 -6.02 31.11 -5.84
N GLU B 6 -5.64 31.62 -7.01
CA GLU B 6 -5.39 30.74 -8.15
C GLU B 6 -4.02 30.05 -8.06
N ARG B 7 -3.06 30.66 -7.37
CA ARG B 7 -1.80 29.97 -7.09
C ARG B 7 -2.00 28.92 -6.00
N ILE B 8 -2.77 29.26 -4.96
CA ILE B 8 -2.92 28.36 -3.81
C ILE B 8 -3.69 27.11 -4.20
N TYR B 9 -4.82 27.27 -4.86
CA TYR B 9 -5.72 26.16 -5.14
C TYR B 9 -5.65 25.81 -6.61
N GLN B 10 -5.16 24.61 -6.90
CA GLN B 10 -4.88 24.20 -8.27
C GLN B 10 -5.54 22.88 -8.61
N LYS B 11 -5.97 22.79 -9.86
CA LYS B 11 -6.56 21.59 -10.44
C LYS B 11 -5.56 20.99 -11.42
N LYS B 12 -5.41 19.68 -11.36
CA LYS B 12 -4.49 18.94 -12.21
C LYS B 12 -5.26 18.00 -13.12
N THR B 13 -4.74 17.81 -14.34
CA THR B 13 -5.23 16.75 -15.20
C THR B 13 -4.73 15.42 -14.68
N GLN B 14 -5.34 14.33 -15.15
CA GLN B 14 -4.88 13.01 -14.70
C GLN B 14 -3.42 12.79 -15.05
N LEU B 15 -3.01 13.16 -16.28
CA LEU B 15 -1.62 12.99 -16.70
C LEU B 15 -0.67 13.85 -15.88
N GLU B 16 -1.04 15.11 -15.63
CA GLU B 16 -0.22 15.96 -14.78
C GLU B 16 -0.07 15.37 -13.38
N HIS B 17 -1.14 14.77 -12.86
CA HIS B 17 -1.10 14.24 -11.52
C HIS B 17 -0.15 13.06 -11.41
N ILE B 18 -0.14 12.20 -12.42
CA ILE B 18 0.75 11.05 -12.41
C ILE B 18 2.22 11.49 -12.37
N LEU B 19 2.60 12.48 -13.17
CA LEU B 19 3.98 12.94 -13.16
C LEU B 19 4.31 13.72 -11.89
N LEU B 20 3.34 14.44 -11.32
CA LEU B 20 3.57 15.22 -10.11
C LEU B 20 3.58 14.36 -8.85
N ARG B 21 2.77 13.31 -8.84
CA ARG B 21 2.56 12.44 -7.67
C ARG B 21 2.72 10.99 -8.11
N PRO B 22 3.93 10.58 -8.49
CA PRO B 22 4.11 9.24 -9.06
C PRO B 22 3.95 8.11 -8.05
N ASP B 23 4.10 8.39 -6.76
CA ASP B 23 4.29 7.31 -5.79
C ASP B 23 3.13 6.33 -5.72
N THR B 24 1.88 6.82 -5.76
CA THR B 24 0.78 5.85 -5.64
C THR B 24 0.55 5.10 -6.96
N TYR B 25 1.19 5.53 -8.04
CA TYR B 25 1.02 4.86 -9.32
C TYR B 25 2.11 3.82 -9.59
N ILE B 26 3.39 4.16 -9.36
CA ILE B 26 4.50 3.28 -9.71
C ILE B 26 5.46 3.02 -8.56
N GLY B 27 5.23 3.59 -7.37
CA GLY B 27 6.18 3.51 -6.29
C GLY B 27 7.12 4.69 -6.28
N SER B 28 8.10 4.63 -5.38
CA SER B 28 9.01 5.76 -5.21
C SER B 28 9.82 6.03 -6.46
N VAL B 29 10.03 7.31 -6.77
CA VAL B 29 10.93 7.71 -7.85
C VAL B 29 12.26 8.21 -7.31
N GLU B 30 12.53 7.99 -6.03
CA GLU B 30 13.80 8.26 -5.39
C GLU B 30 14.55 6.96 -5.18
N LEU B 31 15.88 7.08 -5.01
CA LEU B 31 16.70 5.92 -4.77
C LEU B 31 16.35 5.28 -3.44
N VAL B 32 16.39 3.96 -3.42
CA VAL B 32 16.27 3.17 -2.20
CA VAL B 32 16.28 3.18 -2.20
C VAL B 32 17.45 2.23 -2.15
N THR B 33 17.96 1.98 -0.94
CA THR B 33 19.01 1.01 -0.71
C THR B 33 18.49 -0.02 0.27
N GLN B 34 18.38 -1.26 -0.16
CA GLN B 34 17.85 -2.30 0.70
C GLN B 34 18.29 -3.64 0.15
N GLN B 35 18.16 -4.66 0.99
CA GLN B 35 18.46 -6.02 0.58
C GLN B 35 17.33 -6.59 -0.26
N MET B 36 17.70 -7.19 -1.39
CA MET B 36 16.78 -7.77 -2.36
C MET B 36 17.36 -9.07 -2.89
N TRP B 37 16.51 -9.92 -3.44
CA TRP B 37 16.98 -11.03 -4.27
C TRP B 37 17.21 -10.52 -5.69
N VAL B 38 18.35 -10.87 -6.29
CA VAL B 38 18.69 -10.48 -7.64
C VAL B 38 19.31 -11.68 -8.36
N TYR B 39 19.45 -11.57 -9.68
CA TYR B 39 20.23 -12.52 -10.47
C TYR B 39 21.43 -11.77 -11.04
N ASP B 40 22.62 -12.05 -10.50
CA ASP B 40 23.85 -11.43 -10.95
C ASP B 40 24.54 -12.26 -12.04
N GLU B 41 25.20 -11.56 -12.96
CA GLU B 41 25.86 -12.16 -14.11
C GLU B 41 26.91 -13.20 -13.78
N ASP B 42 27.46 -13.16 -12.56
CA ASP B 42 28.56 -14.05 -12.19
C ASP B 42 28.18 -15.13 -11.19
N VAL B 43 27.25 -14.89 -10.26
CA VAL B 43 26.91 -15.86 -9.23
CA VAL B 43 26.92 -15.89 -9.25
C VAL B 43 25.46 -16.32 -9.29
N GLY B 44 24.62 -15.69 -10.11
CA GLY B 44 23.23 -16.09 -10.18
C GLY B 44 22.35 -15.52 -9.08
N ILE B 45 21.40 -16.32 -8.61
CA ILE B 45 20.44 -15.86 -7.62
C ILE B 45 21.15 -15.65 -6.30
N ASN B 46 20.98 -14.47 -5.69
CA ASN B 46 21.58 -14.21 -4.40
C ASN B 46 20.91 -13.00 -3.75
N TYR B 47 21.05 -12.90 -2.43
CA TYR B 47 20.41 -11.88 -1.61
C TYR B 47 21.49 -10.89 -1.20
N ARG B 48 21.30 -9.63 -1.57
CA ARG B 48 22.32 -8.63 -1.28
C ARG B 48 21.72 -7.23 -1.29
N GLU B 49 22.49 -6.29 -0.77
CA GLU B 49 22.12 -4.89 -0.87
C GLU B 49 22.15 -4.40 -2.30
N VAL B 50 21.12 -3.64 -2.68
CA VAL B 50 21.03 -3.02 -3.99
CA VAL B 50 20.97 -3.04 -3.99
C VAL B 50 20.53 -1.60 -3.82
N THR B 51 20.90 -0.74 -4.76
CA THR B 51 20.43 0.64 -4.80
C THR B 51 19.72 0.82 -6.13
N PHE B 52 18.43 1.21 -6.08
CA PHE B 52 17.62 1.24 -7.28
C PHE B 52 16.43 2.15 -7.04
N VAL B 53 15.73 2.47 -8.13
CA VAL B 53 14.53 3.31 -8.09
C VAL B 53 13.32 2.40 -8.27
N PRO B 54 12.44 2.25 -7.27
CA PRO B 54 11.27 1.37 -7.43
C PRO B 54 10.41 1.68 -8.66
N GLY B 55 10.16 2.95 -8.95
CA GLY B 55 9.31 3.27 -10.07
C GLY B 55 9.83 2.76 -11.41
N LEU B 56 11.16 2.78 -11.59
CA LEU B 56 11.74 2.26 -12.83
C LEU B 56 11.53 0.75 -12.93
N TYR B 57 11.79 0.03 -11.84
CA TYR B 57 11.56 -1.41 -11.79
C TYR B 57 10.10 -1.73 -12.09
N LYS B 58 9.19 -0.91 -11.58
CA LYS B 58 7.76 -1.18 -11.72
C LYS B 58 7.28 -1.00 -13.14
N ILE B 59 7.78 -0.02 -13.89
CA ILE B 59 7.22 0.14 -15.23
C ILE B 59 7.63 -1.07 -16.10
N PHE B 60 8.81 -1.65 -15.84
CA PHE B 60 9.21 -2.91 -16.46
C PHE B 60 8.26 -4.04 -16.05
N ASP B 61 7.97 -4.13 -14.75
CA ASP B 61 7.04 -5.13 -14.24
C ASP B 61 5.68 -5.05 -14.92
N GLU B 62 5.15 -3.84 -15.11
CA GLU B 62 3.82 -3.71 -15.69
C GLU B 62 3.76 -4.37 -17.06
N ILE B 63 4.78 -4.15 -17.89
CA ILE B 63 4.76 -4.71 -19.24
C ILE B 63 4.99 -6.22 -19.19
N LEU B 64 5.85 -6.68 -18.28
CA LEU B 64 6.14 -8.10 -18.18
C LEU B 64 4.92 -8.89 -17.70
N VAL B 65 4.21 -8.37 -16.69
CA VAL B 65 3.00 -9.04 -16.22
C VAL B 65 1.93 -9.04 -17.31
N ASN B 66 1.83 -7.95 -18.10
CA ASN B 66 0.88 -7.96 -19.20
C ASN B 66 1.16 -9.12 -20.17
N ALA B 67 2.45 -9.43 -20.40
CA ALA B 67 2.75 -10.56 -21.29
C ALA B 67 2.34 -11.89 -20.66
N ALA B 68 2.60 -12.07 -19.37
CA ALA B 68 2.14 -13.27 -18.69
C ALA B 68 0.62 -13.38 -18.73
N ASP B 69 -0.08 -12.24 -18.64
CA ASP B 69 -1.54 -12.24 -18.69
C ASP B 69 -2.06 -12.82 -20.00
N ASN B 70 -1.29 -12.68 -21.09
CA ASN B 70 -1.76 -13.18 -22.37
C ASN B 70 -1.82 -14.70 -22.41
N LYS B 71 -1.09 -15.38 -21.51
CA LYS B 71 -1.19 -16.84 -21.46
C LYS B 71 -2.54 -17.29 -20.92
N GLN B 72 -3.17 -16.49 -20.05
CA GLN B 72 -4.54 -16.79 -19.63
C GLN B 72 -5.52 -16.48 -20.77
N ARG B 73 -5.30 -15.37 -21.47
CA ARG B 73 -6.15 -15.04 -22.61
C ARG B 73 -6.06 -16.09 -23.71
N ASP B 74 -4.84 -16.56 -24.02
CA ASP B 74 -4.63 -17.55 -25.07
C ASP B 74 -3.70 -18.65 -24.56
N PRO B 75 -4.25 -19.77 -24.07
CA PRO B 75 -3.38 -20.83 -23.53
C PRO B 75 -2.44 -21.44 -24.55
N LYS B 76 -2.61 -21.17 -25.85
CA LYS B 76 -1.68 -21.67 -26.84
C LYS B 76 -0.39 -20.86 -26.89
N MET B 77 -0.37 -19.67 -26.29
CA MET B 77 0.86 -18.91 -26.14
C MET B 77 1.95 -19.80 -25.54
N SER B 78 3.20 -19.60 -25.98
CA SER B 78 4.28 -20.48 -25.56
C SER B 78 5.56 -19.78 -25.08
N CYS B 79 5.81 -18.52 -25.42
CA CYS B 79 7.10 -17.92 -25.10
C CYS B 79 6.97 -16.45 -24.76
N ILE B 80 7.83 -15.99 -23.86
CA ILE B 80 8.09 -14.57 -23.61
C ILE B 80 9.57 -14.32 -23.82
N ARG B 81 9.90 -13.28 -24.59
CA ARG B 81 11.29 -12.91 -24.86
C ARG B 81 11.53 -11.48 -24.41
N VAL B 82 12.46 -11.30 -23.47
CA VAL B 82 12.81 -9.99 -22.92
C VAL B 82 14.21 -9.61 -23.43
N THR B 83 14.37 -8.37 -23.85
CA THR B 83 15.69 -7.83 -24.17
C THR B 83 15.95 -6.58 -23.32
N ILE B 84 17.19 -6.47 -22.85
CA ILE B 84 17.65 -5.33 -22.06
C ILE B 84 18.96 -4.84 -22.65
N ASP B 85 18.99 -3.60 -23.11
CA ASP B 85 20.14 -2.98 -23.77
C ASP B 85 20.52 -1.72 -23.02
N PRO B 86 21.39 -1.81 -22.02
CA PRO B 86 21.76 -0.60 -21.26
C PRO B 86 22.39 0.50 -22.11
N GLU B 87 23.24 0.14 -23.07
CA GLU B 87 23.96 1.16 -23.83
C GLU B 87 23.01 2.09 -24.54
N ASN B 88 21.96 1.56 -25.17
CA ASN B 88 20.99 2.39 -25.86
C ASN B 88 19.76 2.67 -25.02
N ASN B 89 19.77 2.27 -23.75
CA ASN B 89 18.64 2.48 -22.85
C ASN B 89 17.34 1.98 -23.47
N LEU B 90 17.32 0.69 -23.79
CA LEU B 90 16.26 0.10 -24.60
C LEU B 90 15.85 -1.23 -23.99
N ILE B 91 14.56 -1.38 -23.73
CA ILE B 91 13.98 -2.63 -23.24
C ILE B 91 12.84 -3.02 -24.17
N SER B 92 12.75 -4.30 -24.52
CA SER B 92 11.60 -4.82 -25.28
C SER B 92 11.09 -6.08 -24.61
N ILE B 93 9.77 -6.27 -24.63
CA ILE B 93 9.14 -7.49 -24.13
C ILE B 93 8.20 -8.00 -25.21
N TRP B 94 8.44 -9.24 -25.65
CA TRP B 94 7.74 -9.87 -26.77
C TRP B 94 7.03 -11.12 -26.27
N ASN B 95 5.85 -11.40 -26.80
CA ASN B 95 5.15 -12.64 -26.50
C ASN B 95 4.44 -13.12 -27.75
N ASN B 96 4.24 -14.43 -27.84
CA ASN B 96 3.46 -15.02 -28.91
C ASN B 96 2.07 -15.36 -28.34
N GLY B 97 1.34 -16.21 -29.04
CA GLY B 97 -0.09 -16.30 -28.79
C GLY B 97 -0.79 -15.11 -29.40
N LYS B 98 -2.10 -15.03 -29.17
CA LYS B 98 -2.94 -14.13 -29.94
C LYS B 98 -2.56 -12.66 -29.74
N GLY B 99 -2.55 -11.94 -30.86
CA GLY B 99 -2.33 -10.52 -30.85
C GLY B 99 -3.58 -9.75 -30.48
N ILE B 100 -3.42 -8.44 -30.35
CA ILE B 100 -4.52 -7.55 -30.02
C ILE B 100 -5.33 -7.25 -31.27
N PRO B 101 -6.66 -7.20 -31.21
CA PRO B 101 -7.45 -6.91 -32.41
C PRO B 101 -7.07 -5.58 -33.05
N VAL B 102 -6.78 -5.60 -34.33
CA VAL B 102 -6.39 -4.40 -35.07
C VAL B 102 -7.63 -3.90 -35.79
N VAL B 103 -8.38 -3.03 -35.12
CA VAL B 103 -9.68 -2.57 -35.60
C VAL B 103 -10.11 -1.36 -34.79
N GLU B 104 -10.99 -0.54 -35.39
CA GLU B 104 -11.52 0.63 -34.72
C GLU B 104 -12.57 0.24 -33.68
N HIS B 105 -12.45 0.84 -32.49
CA HIS B 105 -13.40 0.67 -31.40
C HIS B 105 -14.62 1.54 -31.68
N LYS B 106 -15.80 0.90 -31.77
CA LYS B 106 -16.97 1.64 -32.21
CA LYS B 106 -16.98 1.64 -32.21
C LYS B 106 -17.46 2.66 -31.19
N VAL B 107 -17.04 2.53 -29.94
CA VAL B 107 -17.47 3.45 -28.89
C VAL B 107 -16.43 4.53 -28.63
N GLU B 108 -15.16 4.14 -28.52
CA GLU B 108 -14.09 5.11 -28.29
C GLU B 108 -13.45 5.58 -29.60
N LYS B 109 -13.78 4.95 -30.72
CA LYS B 109 -13.48 5.49 -32.06
C LYS B 109 -12.00 5.74 -32.28
N MET B 110 -11.19 4.73 -31.93
CA MET B 110 -9.80 4.66 -32.36
C MET B 110 -9.43 3.18 -32.40
N TYR B 111 -8.30 2.88 -33.05
CA TYR B 111 -7.85 1.50 -33.14
C TYR B 111 -7.54 0.97 -31.75
N VAL B 112 -7.95 -0.29 -31.50
CA VAL B 112 -7.89 -0.84 -30.15
C VAL B 112 -6.49 -0.72 -29.53
N PRO B 113 -5.41 -1.05 -30.23
CA PRO B 113 -4.08 -0.91 -29.58
C PRO B 113 -3.76 0.50 -29.16
N ALA B 114 -4.20 1.51 -29.94
CA ALA B 114 -3.95 2.90 -29.55
C ALA B 114 -4.79 3.27 -28.33
N LEU B 115 -6.03 2.77 -28.26
CA LEU B 115 -6.88 3.04 -27.09
C LEU B 115 -6.23 2.52 -25.82
N ILE B 116 -5.79 1.26 -25.84
CA ILE B 116 -5.44 0.60 -24.57
C ILE B 116 -3.99 0.81 -24.17
N PHE B 117 -3.17 1.42 -25.02
CA PHE B 117 -1.83 1.82 -24.64
C PHE B 117 -1.65 3.33 -24.53
N GLY B 118 -2.59 4.12 -25.04
CA GLY B 118 -2.41 5.54 -25.08
C GLY B 118 -3.45 6.38 -24.37
N GLN B 119 -4.50 5.74 -23.83
CA GLN B 119 -5.54 6.42 -23.06
C GLN B 119 -5.62 5.81 -21.67
N LEU B 120 -5.66 6.66 -20.65
CA LEU B 120 -5.76 6.18 -19.28
C LEU B 120 -7.12 5.53 -19.01
N LEU B 121 -7.10 4.56 -18.10
CA LEU B 121 -8.32 3.90 -17.60
C LEU B 121 -8.98 3.09 -18.72
N THR B 122 -8.18 2.27 -19.38
CA THR B 122 -8.64 1.37 -20.43
C THR B 122 -8.18 -0.04 -20.13
N SER B 123 -9.09 -1.01 -20.28
CA SER B 123 -8.80 -2.36 -19.79
C SER B 123 -9.80 -3.35 -20.38
N SER B 124 -9.35 -4.60 -20.49
CA SER B 124 -10.25 -5.74 -20.71
C SER B 124 -10.64 -6.42 -19.40
N ASN B 125 -10.25 -5.85 -18.26
CA ASN B 125 -10.46 -6.43 -16.94
C ASN B 125 -11.49 -5.67 -16.09
N TYR B 126 -12.38 -4.89 -16.73
CA TYR B 126 -13.33 -4.09 -15.99
C TYR B 126 -14.68 -4.77 -15.75
N ASP B 127 -14.92 -5.96 -16.30
CA ASP B 127 -16.19 -6.67 -16.10
C ASP B 127 -15.96 -7.84 -15.15
N ASP B 128 -16.26 -7.64 -13.87
CA ASP B 128 -15.94 -8.69 -12.91
C ASP B 128 -17.01 -9.77 -12.83
N ASP B 129 -18.02 -9.76 -13.68
CA ASP B 129 -18.77 -10.98 -13.96
C ASP B 129 -17.89 -12.03 -14.63
N GLU B 130 -16.83 -11.60 -15.30
CA GLU B 130 -15.81 -12.50 -15.80
C GLU B 130 -14.83 -12.75 -14.66
N LYS B 131 -14.72 -14.01 -14.25
CA LYS B 131 -13.87 -14.37 -13.12
C LYS B 131 -12.49 -14.76 -13.64
N LYS B 132 -11.64 -13.74 -13.85
CA LYS B 132 -10.36 -13.93 -14.51
C LYS B 132 -9.22 -14.04 -13.49
N VAL B 133 -8.17 -14.78 -13.88
CA VAL B 133 -6.97 -14.93 -13.06
C VAL B 133 -5.79 -14.24 -13.72
N THR B 134 -6.08 -13.19 -14.48
CA THR B 134 -5.08 -12.26 -14.95
C THR B 134 -4.63 -11.34 -13.82
N GLY B 135 -3.40 -10.81 -13.96
CA GLY B 135 -2.94 -9.82 -13.00
C GLY B 135 -3.48 -8.43 -13.24
N GLY B 136 -3.92 -8.13 -14.47
CA GLY B 136 -4.42 -6.80 -14.76
C GLY B 136 -5.79 -6.57 -14.15
N ARG B 137 -5.96 -5.37 -13.58
CA ARG B 137 -7.20 -5.03 -12.90
C ARG B 137 -7.69 -3.61 -13.16
N ASN B 138 -6.76 -2.64 -13.27
CA ASN B 138 -7.15 -1.24 -13.15
C ASN B 138 -7.13 -0.41 -14.43
N GLY B 139 -6.50 -0.88 -15.50
CA GLY B 139 -6.42 -0.09 -16.72
C GLY B 139 -5.38 1.00 -16.73
N TYR B 140 -4.32 0.87 -15.92
CA TYR B 140 -3.26 1.86 -15.83
C TYR B 140 -1.89 1.40 -16.33
N GLY B 141 -1.52 0.13 -16.11
CA GLY B 141 -0.12 -0.25 -16.12
C GLY B 141 0.67 0.10 -17.38
N ALA B 142 0.09 -0.19 -18.55
CA ALA B 142 0.81 0.05 -19.78
C ALA B 142 0.95 1.55 -20.04
N LYS B 143 -0.08 2.32 -19.68
CA LYS B 143 -0.01 3.78 -19.83
C LYS B 143 1.03 4.37 -18.88
N LEU B 144 1.14 3.82 -17.66
CA LEU B 144 2.17 4.30 -16.74
C LEU B 144 3.57 4.08 -17.33
N CYS B 145 3.82 2.93 -17.95
CA CYS B 145 5.12 2.71 -18.59
C CYS B 145 5.35 3.74 -19.70
N ASN B 146 4.34 3.96 -20.53
CA ASN B 146 4.38 4.99 -21.57
C ASN B 146 4.74 6.35 -21.00
N ILE B 147 4.02 6.76 -19.94
CA ILE B 147 4.20 8.08 -19.36
C ILE B 147 5.61 8.28 -18.80
N PHE B 148 6.23 7.22 -18.29
CA PHE B 148 7.59 7.32 -17.76
C PHE B 148 8.66 6.86 -18.75
N SER B 149 8.34 6.92 -20.04
CA SER B 149 9.29 6.66 -21.11
C SER B 149 9.43 7.87 -22.02
N THR B 150 10.63 8.06 -22.57
CA THR B 150 10.81 9.06 -23.62
C THR B 150 10.38 8.55 -24.98
N LYS B 151 10.33 7.23 -25.16
CA LYS B 151 9.86 6.62 -26.40
C LYS B 151 9.24 5.28 -26.03
N PHE B 152 8.08 4.98 -26.62
CA PHE B 152 7.30 3.81 -26.25
C PHE B 152 6.59 3.31 -27.50
N THR B 153 6.95 2.11 -27.96
CA THR B 153 6.42 1.55 -29.20
C THR B 153 5.62 0.29 -28.97
N VAL B 154 4.45 0.22 -29.61
CA VAL B 154 3.54 -0.91 -29.55
C VAL B 154 3.50 -1.54 -30.93
N GLU B 155 3.81 -2.83 -31.03
CA GLU B 155 3.66 -3.58 -32.28
C GLU B 155 2.91 -4.88 -31.97
N THR B 156 1.83 -5.13 -32.70
CA THR B 156 1.00 -6.30 -32.44
C THR B 156 0.36 -6.76 -33.75
N ALA B 157 0.40 -8.06 -33.97
CA ALA B 157 -0.01 -8.67 -35.23
C ALA B 157 -1.17 -9.62 -34.99
N SER B 158 -2.23 -9.46 -35.78
CA SER B 158 -3.47 -10.22 -35.60
C SER B 158 -3.84 -10.90 -36.91
N ARG B 159 -3.59 -12.21 -37.00
CA ARG B 159 -4.00 -12.95 -38.19
C ARG B 159 -5.51 -12.93 -38.37
N GLU B 160 -6.28 -12.87 -37.27
CA GLU B 160 -7.73 -12.79 -37.38
C GLU B 160 -8.16 -11.57 -38.20
N TYR B 161 -7.61 -10.40 -37.88
CA TYR B 161 -7.89 -9.19 -38.63
C TYR B 161 -6.95 -9.01 -39.83
N LYS B 162 -6.07 -9.98 -40.07
CA LYS B 162 -5.12 -9.95 -41.18
C LYS B 162 -4.37 -8.61 -41.27
N LYS B 163 -4.02 -8.06 -40.11
CA LYS B 163 -3.28 -6.80 -40.08
C LYS B 163 -2.28 -6.80 -38.95
N MET B 164 -1.21 -6.03 -39.13
CA MET B 164 -0.26 -5.71 -38.07
C MET B 164 -0.31 -4.22 -37.77
N PHE B 165 -0.21 -3.89 -36.48
CA PHE B 165 -0.29 -2.52 -35.99
C PHE B 165 1.05 -2.12 -35.40
N LYS B 166 1.46 -0.87 -35.65
CA LYS B 166 2.64 -0.34 -34.99
C LYS B 166 2.48 1.16 -34.79
N GLN B 167 2.73 1.63 -33.56
CA GLN B 167 2.69 3.06 -33.29
C GLN B 167 3.63 3.37 -32.15
N THR B 168 4.18 4.59 -32.18
CA THR B 168 5.14 5.05 -31.18
C THR B 168 4.63 6.32 -30.50
N TRP B 169 4.82 6.38 -29.20
CA TRP B 169 4.56 7.55 -28.37
C TRP B 169 5.90 8.09 -27.90
N MET B 170 5.93 9.38 -27.59
CA MET B 170 7.15 10.04 -27.16
C MET B 170 6.85 11.04 -26.06
N ASP B 171 7.91 11.41 -25.33
CA ASP B 171 7.90 12.54 -24.40
C ASP B 171 6.83 12.38 -23.32
N ASN B 172 6.92 11.25 -22.61
CA ASN B 172 6.03 10.98 -21.48
C ASN B 172 4.58 10.94 -21.93
N MET B 173 4.33 10.22 -23.03
CA MET B 173 3.00 10.08 -23.62
C MET B 173 2.40 11.45 -23.99
N GLY B 174 3.27 12.40 -24.33
CA GLY B 174 2.84 13.72 -24.72
C GLY B 174 2.52 13.86 -26.20
N ARG B 175 2.97 12.90 -27.01
CA ARG B 175 2.68 12.92 -28.44
C ARG B 175 2.87 11.52 -29.00
N ALA B 176 2.41 11.31 -30.23
CA ALA B 176 2.56 10.03 -30.88
C ALA B 176 2.91 10.24 -32.34
N GLY B 177 3.67 9.29 -32.89
CA GLY B 177 3.93 9.25 -34.31
C GLY B 177 2.77 8.64 -35.05
N GLU B 178 2.95 8.48 -36.36
CA GLU B 178 1.89 7.96 -37.21
C GLU B 178 1.69 6.47 -36.99
N MET B 179 0.43 6.05 -36.97
CA MET B 179 0.09 4.64 -36.89
C MET B 179 0.44 3.95 -38.21
N GLU B 180 1.03 2.77 -38.12
CA GLU B 180 1.38 1.98 -39.30
C GLU B 180 0.58 0.69 -39.30
N LEU B 181 -0.14 0.45 -40.39
CA LEU B 181 -0.89 -0.79 -40.59
C LEU B 181 -0.36 -1.51 -41.82
N LYS B 182 -0.16 -2.82 -41.71
CA LYS B 182 0.35 -3.63 -42.81
C LYS B 182 -0.35 -4.97 -42.81
N PRO B 183 -0.58 -5.54 -44.00
CA PRO B 183 -1.24 -6.86 -44.05
C PRO B 183 -0.41 -7.91 -43.35
N PHE B 184 -1.09 -8.86 -42.72
CA PHE B 184 -0.42 -9.86 -41.91
C PHE B 184 -1.11 -11.20 -42.07
N ASN B 185 -0.32 -12.27 -42.17
CA ASN B 185 -0.86 -13.61 -42.26
C ASN B 185 -0.02 -14.65 -41.53
N GLY B 186 0.81 -14.24 -40.57
CA GLY B 186 1.75 -15.16 -39.95
C GLY B 186 1.38 -15.53 -38.52
N GLU B 187 2.40 -15.82 -37.70
CA GLU B 187 2.19 -16.14 -36.30
C GLU B 187 1.97 -14.87 -35.47
N ASP B 188 0.91 -14.87 -34.66
CA ASP B 188 0.60 -13.70 -33.85
C ASP B 188 1.71 -13.41 -32.84
N TYR B 189 1.86 -12.14 -32.50
CA TYR B 189 2.78 -11.71 -31.46
C TYR B 189 2.46 -10.28 -31.05
N THR B 190 2.94 -9.90 -29.88
CA THR B 190 2.91 -8.50 -29.45
C THR B 190 4.30 -8.17 -28.93
N CYS B 191 4.78 -6.96 -29.25
CA CYS B 191 6.10 -6.53 -28.80
C CYS B 191 6.04 -5.08 -28.34
N ILE B 192 6.43 -4.85 -27.09
CA ILE B 192 6.49 -3.51 -26.49
C ILE B 192 7.96 -3.17 -26.33
N THR B 193 8.38 -2.02 -26.88
CA THR B 193 9.77 -1.56 -26.83
C THR B 193 9.76 -0.15 -26.26
N PHE B 194 10.52 0.10 -25.19
CA PHE B 194 10.47 1.41 -24.58
C PHE B 194 11.85 1.84 -24.09
N GLN B 195 12.04 3.16 -24.06
CA GLN B 195 13.22 3.80 -23.51
C GLN B 195 12.81 4.52 -22.23
N PRO B 196 13.11 3.98 -21.04
CA PRO B 196 12.71 4.65 -19.81
C PRO B 196 13.25 6.07 -19.73
N ASP B 197 12.46 6.96 -19.14
CA ASP B 197 12.88 8.36 -18.97
C ASP B 197 13.77 8.42 -17.73
N LEU B 198 15.05 8.16 -17.92
CA LEU B 198 15.95 8.07 -16.78
C LEU B 198 16.08 9.40 -16.05
N SER B 199 15.78 10.53 -16.69
CA SER B 199 15.83 11.80 -15.98
C SER B 199 14.75 11.89 -14.91
N LYS B 200 13.57 11.29 -15.15
CA LYS B 200 12.51 11.24 -14.16
C LYS B 200 12.88 10.39 -12.95
N PHE B 201 13.91 9.55 -13.11
CA PHE B 201 14.38 8.66 -12.05
C PHE B 201 15.77 9.06 -11.55
N LYS B 202 16.31 10.19 -12.03
CA LYS B 202 17.64 10.69 -11.65
C LYS B 202 18.72 9.63 -11.80
N MET B 203 18.68 8.89 -12.91
CA MET B 203 19.68 7.88 -13.20
CA MET B 203 19.64 7.84 -13.21
C MET B 203 20.43 8.21 -14.47
N GLN B 204 21.66 7.71 -14.56
CA GLN B 204 22.51 7.94 -15.72
C GLN B 204 22.39 6.81 -16.74
N SER B 205 22.16 5.58 -16.30
CA SER B 205 22.02 4.46 -17.21
C SER B 205 21.34 3.31 -16.46
N LEU B 206 21.03 2.24 -17.19
CA LEU B 206 20.52 1.01 -16.60
C LEU B 206 21.71 0.25 -16.02
N ASP B 207 21.96 0.44 -14.73
CA ASP B 207 23.19 -0.05 -14.11
C ASP B 207 23.05 -1.50 -13.62
N LYS B 208 24.13 -1.98 -12.99
CA LYS B 208 24.23 -3.40 -12.62
C LYS B 208 23.06 -3.82 -11.75
N ASP B 209 22.70 -3.00 -10.77
CA ASP B 209 21.68 -3.40 -9.81
C ASP B 209 20.30 -3.49 -10.46
N ILE B 210 19.93 -2.50 -11.27
CA ILE B 210 18.58 -2.55 -11.82
C ILE B 210 18.48 -3.67 -12.85
N VAL B 211 19.55 -3.93 -13.61
CA VAL B 211 19.54 -5.06 -14.54
C VAL B 211 19.38 -6.38 -13.77
N ALA B 212 20.11 -6.53 -12.67
CA ALA B 212 20.03 -7.79 -11.92
C ALA B 212 18.64 -8.01 -11.31
N LEU B 213 17.96 -6.92 -10.91
CA LEU B 213 16.58 -7.01 -10.46
C LEU B 213 15.64 -7.40 -11.60
N MET B 214 15.85 -6.81 -12.78
CA MET B 214 14.97 -7.09 -13.91
C MET B 214 15.16 -8.53 -14.39
N VAL B 215 16.40 -9.00 -14.42
CA VAL B 215 16.66 -10.38 -14.82
C VAL B 215 16.03 -11.35 -13.82
N ARG B 216 16.11 -11.04 -12.53
CA ARG B 216 15.48 -11.92 -11.55
C ARG B 216 13.97 -11.94 -11.75
N ARG B 217 13.38 -10.78 -12.04
CA ARG B 217 11.93 -10.76 -12.26
C ARG B 217 11.55 -11.64 -13.45
N ALA B 218 12.40 -11.73 -14.47
CA ALA B 218 12.13 -12.64 -15.59
C ALA B 218 12.18 -14.09 -15.14
N TYR B 219 13.14 -14.43 -14.26
CA TYR B 219 13.14 -15.75 -13.65
C TYR B 219 11.84 -16.01 -12.89
N ASP B 220 11.33 -15.00 -12.17
CA ASP B 220 10.07 -15.15 -11.46
C ASP B 220 8.97 -15.62 -12.42
N ILE B 221 8.85 -14.93 -13.56
CA ILE B 221 7.84 -15.25 -14.56
C ILE B 221 8.01 -16.69 -15.04
N ALA B 222 9.26 -17.09 -15.30
CA ALA B 222 9.52 -18.46 -15.72
C ALA B 222 9.07 -19.46 -14.66
N GLY B 223 9.18 -19.10 -13.38
CA GLY B 223 8.79 -20.01 -12.32
C GLY B 223 7.32 -20.01 -11.95
N SER B 224 6.62 -18.89 -12.19
CA SER B 224 5.24 -18.75 -11.75
C SER B 224 4.22 -19.09 -12.83
N THR B 225 4.60 -18.99 -14.10
CA THR B 225 3.72 -19.36 -15.19
C THR B 225 3.82 -20.85 -15.48
N LYS B 226 2.84 -21.36 -16.21
CA LYS B 226 2.82 -22.74 -16.67
CA LYS B 226 2.82 -22.74 -16.67
C LYS B 226 2.96 -22.75 -18.18
N ASP B 227 3.87 -23.59 -18.69
CA ASP B 227 4.01 -23.82 -20.13
C ASP B 227 4.34 -22.54 -20.89
N VAL B 228 5.21 -21.72 -20.32
CA VAL B 228 5.74 -20.53 -21.00
C VAL B 228 7.26 -20.57 -20.86
N LYS B 229 7.97 -20.60 -21.98
CA LYS B 229 9.41 -20.45 -21.96
C LYS B 229 9.78 -18.97 -21.96
N VAL B 230 10.75 -18.61 -21.12
CA VAL B 230 11.16 -17.22 -20.96
C VAL B 230 12.62 -17.09 -21.40
N PHE B 231 12.89 -16.07 -22.21
CA PHE B 231 14.23 -15.77 -22.69
C PHE B 231 14.62 -14.36 -22.30
N LEU B 232 15.91 -14.17 -21.99
CA LEU B 232 16.48 -12.87 -21.64
C LEU B 232 17.69 -12.66 -22.54
N ASN B 233 17.62 -11.67 -23.43
CA ASN B 233 18.67 -11.43 -24.43
C ASN B 233 19.03 -12.72 -25.16
N GLY B 234 17.99 -13.50 -25.49
CA GLY B 234 18.14 -14.73 -26.23
C GLY B 234 18.48 -15.93 -25.39
N ASN B 235 18.78 -15.75 -24.11
CA ASN B 235 19.22 -16.81 -23.23
C ASN B 235 18.00 -17.42 -22.54
N LYS B 236 17.71 -18.68 -22.86
CA LYS B 236 16.61 -19.38 -22.21
C LYS B 236 16.84 -19.48 -20.71
N LEU B 237 15.83 -19.14 -19.92
CA LEU B 237 15.98 -19.25 -18.46
C LEU B 237 15.69 -20.68 -18.02
N PRO B 238 16.63 -21.35 -17.37
CA PRO B 238 16.46 -22.80 -17.12
C PRO B 238 15.63 -23.12 -15.88
N VAL B 239 14.35 -22.75 -15.94
CA VAL B 239 13.38 -23.04 -14.89
C VAL B 239 12.30 -23.91 -15.50
N LYS B 240 11.96 -25.01 -14.84
CA LYS B 240 10.89 -25.85 -15.36
C LYS B 240 9.61 -25.58 -14.56
N GLY B 241 9.57 -25.94 -13.28
CA GLY B 241 8.41 -25.71 -12.45
C GLY B 241 8.67 -24.76 -11.29
N PHE B 242 7.59 -24.43 -10.56
CA PHE B 242 7.74 -23.59 -9.38
C PHE B 242 8.70 -24.23 -8.38
N ARG B 243 8.70 -25.55 -8.29
CA ARG B 243 9.59 -26.19 -7.31
C ARG B 243 11.06 -25.98 -7.67
N SER B 244 11.40 -26.05 -8.96
CA SER B 244 12.78 -25.78 -9.37
C SER B 244 13.14 -24.31 -9.22
N TYR B 245 12.17 -23.41 -9.36
CA TYR B 245 12.40 -22.00 -9.07
C TYR B 245 12.75 -21.82 -7.59
N VAL B 246 11.96 -22.41 -6.69
CA VAL B 246 12.22 -22.32 -5.27
C VAL B 246 13.63 -22.85 -4.95
N ASP B 247 14.05 -23.91 -5.63
CA ASP B 247 15.34 -24.49 -5.30
C ASP B 247 16.49 -23.55 -5.61
N MET B 248 16.31 -22.61 -6.53
CA MET B 248 17.37 -21.66 -6.81
C MET B 248 17.68 -20.79 -5.60
N TYR B 249 16.68 -20.57 -4.74
CA TYR B 249 16.86 -19.77 -3.54
C TYR B 249 17.51 -20.55 -2.42
N LEU B 250 17.33 -21.86 -2.40
CA LEU B 250 17.77 -22.68 -1.29
C LEU B 250 18.93 -23.60 -1.61
N LYS B 251 19.10 -23.95 -2.89
CA LYS B 251 19.95 -25.06 -3.31
C LYS B 251 21.22 -25.24 -2.48
N ASP B 252 21.81 -24.14 -2.01
CA ASP B 252 23.18 -24.18 -1.53
C ASP B 252 23.36 -23.70 -0.09
N LYS B 253 22.35 -23.13 0.55
CA LYS B 253 22.53 -22.68 1.91
C LYS B 253 22.08 -23.75 2.90
N LEU B 254 22.72 -23.75 4.07
CA LEU B 254 22.47 -24.69 5.14
C LEU B 254 22.03 -23.89 6.36
N ASP B 255 21.34 -24.58 7.28
CA ASP B 255 20.90 -23.90 8.50
C ASP B 255 22.09 -23.45 9.34
N GLU B 256 21.83 -22.73 10.42
CA GLU B 256 22.91 -22.23 11.25
C GLU B 256 23.65 -23.34 11.97
N THR B 257 23.00 -24.48 12.19
CA THR B 257 23.67 -25.62 12.79
C THR B 257 24.59 -26.35 11.80
N GLY B 258 24.24 -26.32 10.51
CA GLY B 258 25.15 -26.82 9.49
C GLY B 258 24.58 -27.79 8.48
N ASN B 259 23.33 -28.22 8.67
CA ASN B 259 22.73 -29.19 7.77
C ASN B 259 21.93 -28.50 6.66
N SER B 260 21.69 -29.25 5.58
CA SER B 260 20.95 -28.71 4.45
C SER B 260 19.49 -28.49 4.82
N LEU B 261 18.86 -27.54 4.14
CA LEU B 261 17.49 -27.17 4.47
C LEU B 261 16.53 -28.26 4.02
N LYS B 262 15.63 -28.64 4.92
CA LYS B 262 14.49 -29.51 4.58
C LYS B 262 13.39 -28.67 3.97
N VAL B 263 12.82 -29.13 2.85
CA VAL B 263 11.77 -28.42 2.14
C VAL B 263 10.54 -29.31 2.02
N ILE B 264 9.40 -28.79 2.48
CA ILE B 264 8.10 -29.44 2.34
C ILE B 264 7.39 -28.81 1.16
N HIS B 265 6.78 -29.63 0.31
CA HIS B 265 6.19 -29.16 -0.93
C HIS B 265 4.86 -29.84 -1.22
N GLU B 266 3.89 -29.08 -1.74
CA GLU B 266 2.68 -29.67 -2.31
C GLU B 266 2.16 -28.78 -3.43
N GLN B 267 1.88 -29.39 -4.58
CA GLN B 267 1.03 -28.77 -5.59
C GLN B 267 -0.39 -29.18 -5.21
N VAL B 268 -1.13 -28.26 -4.59
CA VAL B 268 -2.41 -28.59 -3.99
C VAL B 268 -3.47 -28.82 -5.06
N ASN B 269 -3.51 -27.95 -6.07
CA ASN B 269 -4.40 -28.07 -7.21
C ASN B 269 -3.83 -27.20 -8.32
N HIS B 270 -4.62 -27.00 -9.39
CA HIS B 270 -4.14 -26.27 -10.55
C HIS B 270 -3.93 -24.78 -10.29
N ARG B 271 -4.33 -24.27 -9.13
CA ARG B 271 -4.22 -22.85 -8.83
C ARG B 271 -3.37 -22.54 -7.61
N TRP B 272 -2.82 -23.54 -6.92
CA TRP B 272 -2.04 -23.33 -5.71
C TRP B 272 -0.87 -24.30 -5.60
N GLU B 273 0.32 -23.76 -5.32
CA GLU B 273 1.51 -24.56 -5.05
C GLU B 273 2.28 -23.90 -3.91
N VAL B 274 2.76 -24.72 -2.97
CA VAL B 274 3.32 -24.23 -1.73
C VAL B 274 4.61 -24.98 -1.40
N CYS B 275 5.63 -24.25 -0.98
CA CYS B 275 6.83 -24.84 -0.37
C CYS B 275 7.07 -24.18 0.98
N LEU B 276 7.61 -24.94 1.92
CA LEU B 276 7.91 -24.45 3.25
C LEU B 276 9.28 -24.92 3.67
N THR B 277 10.10 -24.01 4.20
CA THR B 277 11.34 -24.37 4.85
C THR B 277 11.52 -23.46 6.05
N MET B 278 12.69 -23.54 6.70
CA MET B 278 12.95 -22.76 7.89
C MET B 278 13.67 -21.47 7.55
N SER B 279 13.43 -20.45 8.36
CA SER B 279 14.06 -19.16 8.22
C SER B 279 14.89 -18.85 9.46
N GLU B 280 16.05 -18.20 9.24
CA GLU B 280 16.85 -17.66 10.32
C GLU B 280 16.71 -16.15 10.44
N LYS B 281 15.82 -15.54 9.65
CA LYS B 281 15.67 -14.09 9.58
C LYS B 281 14.29 -13.61 10.03
N GLY B 282 13.55 -14.41 10.78
CA GLY B 282 12.17 -14.10 11.07
C GLY B 282 11.30 -14.61 9.92
N PHE B 283 10.00 -14.37 10.03
CA PHE B 283 9.10 -14.79 8.97
C PHE B 283 9.54 -14.23 7.62
N GLN B 284 9.57 -15.10 6.61
CA GLN B 284 9.86 -14.72 5.24
C GLN B 284 8.81 -15.35 4.34
N GLN B 285 8.41 -14.62 3.30
CA GLN B 285 7.53 -15.16 2.28
C GLN B 285 7.98 -14.67 0.92
N ILE B 286 8.01 -15.58 -0.04
CA ILE B 286 8.10 -15.24 -1.46
C ILE B 286 6.83 -15.76 -2.11
N SER B 287 6.05 -14.86 -2.71
CA SER B 287 4.75 -15.26 -3.23
C SER B 287 4.39 -14.47 -4.48
N PHE B 288 3.50 -15.09 -5.26
CA PHE B 288 2.98 -14.56 -6.52
C PHE B 288 1.47 -14.79 -6.58
N VAL B 289 0.77 -13.75 -7.04
CA VAL B 289 -0.65 -13.83 -7.39
C VAL B 289 -0.77 -13.46 -8.88
N ASN B 290 -1.23 -14.42 -9.69
CA ASN B 290 -1.41 -14.18 -11.14
C ASN B 290 -0.13 -13.59 -11.73
N SER B 291 1.01 -14.14 -11.28
CA SER B 291 2.39 -13.82 -11.67
C SER B 291 2.88 -12.45 -11.22
N ILE B 292 2.10 -11.72 -10.42
CA ILE B 292 2.54 -10.51 -9.73
C ILE B 292 3.36 -10.91 -8.51
N ALA B 293 4.52 -10.28 -8.31
CA ALA B 293 5.30 -10.49 -7.08
C ALA B 293 4.64 -9.73 -5.93
N THR B 294 4.03 -10.46 -5.00
CA THR B 294 3.34 -9.81 -3.88
C THR B 294 4.31 -9.70 -2.70
N SER B 295 5.22 -8.72 -2.80
CA SER B 295 6.33 -8.60 -1.87
C SER B 295 5.93 -8.08 -0.48
N LYS B 296 4.72 -7.55 -0.29
CA LYS B 296 4.22 -7.27 1.06
C LYS B 296 3.26 -8.36 1.54
N GLY B 297 2.99 -9.36 0.70
CA GLY B 297 2.20 -10.50 1.09
C GLY B 297 0.75 -10.33 0.76
N GLY B 298 -0.12 -10.75 1.68
CA GLY B 298 -1.54 -10.62 1.51
C GLY B 298 -2.29 -11.82 2.05
N ARG B 299 -3.60 -11.84 1.79
CA ARG B 299 -4.46 -12.85 2.39
C ARG B 299 -4.20 -14.23 1.82
N HIS B 300 -3.58 -14.34 0.63
CA HIS B 300 -3.19 -15.65 0.12
C HIS B 300 -2.08 -16.25 0.95
N VAL B 301 -1.09 -15.44 1.35
CA VAL B 301 -0.04 -15.93 2.24
C VAL B 301 -0.61 -16.25 3.61
N ASP B 302 -1.46 -15.36 4.14
CA ASP B 302 -2.07 -15.60 5.45
C ASP B 302 -2.85 -16.91 5.45
N TYR B 303 -3.63 -17.12 4.39
CA TYR B 303 -4.52 -18.28 4.30
C TYR B 303 -3.74 -19.58 4.38
N VAL B 304 -2.58 -19.64 3.71
CA VAL B 304 -1.75 -20.84 3.73
C VAL B 304 -0.95 -20.93 5.02
N ALA B 305 -0.27 -19.85 5.38
CA ALA B 305 0.60 -19.89 6.56
C ALA B 305 -0.20 -20.19 7.82
N ASP B 306 -1.41 -19.64 7.93
CA ASP B 306 -2.20 -19.84 9.15
C ASP B 306 -2.60 -21.29 9.36
N GLN B 307 -2.84 -22.03 8.27
CA GLN B 307 -3.14 -23.45 8.39
C GLN B 307 -1.99 -24.18 9.08
N ILE B 308 -0.77 -23.84 8.69
CA ILE B 308 0.41 -24.45 9.27
C ILE B 308 0.56 -24.02 10.71
N VAL B 309 0.46 -22.72 10.98
CA VAL B 309 0.67 -22.22 12.33
C VAL B 309 -0.32 -22.83 13.31
N THR B 310 -1.60 -22.88 12.93
CA THR B 310 -2.61 -23.37 13.85
C THR B 310 -2.34 -24.83 14.22
N LYS B 311 -1.91 -25.63 13.25
CA LYS B 311 -1.63 -27.03 13.54
C LYS B 311 -0.41 -27.19 14.43
N LEU B 312 0.65 -26.42 14.16
CA LEU B 312 1.85 -26.54 14.97
C LEU B 312 1.59 -26.06 16.40
N VAL B 313 0.80 -25.00 16.55
CA VAL B 313 0.44 -24.55 17.89
C VAL B 313 -0.36 -25.61 18.61
N ASP B 314 -1.25 -26.30 17.89
CA ASP B 314 -2.01 -27.39 18.49
C ASP B 314 -1.10 -28.46 19.05
N VAL B 315 0.02 -28.72 18.37
CA VAL B 315 0.93 -29.79 18.78
C VAL B 315 1.66 -29.40 20.05
N VAL B 316 2.25 -28.20 20.07
CA VAL B 316 3.00 -27.78 21.25
C VAL B 316 2.10 -27.70 22.48
N LYS B 317 0.79 -27.51 22.27
CA LYS B 317 -0.15 -27.56 23.39
C LYS B 317 -0.25 -28.98 23.95
N LYS B 318 -0.46 -29.97 23.07
CA LYS B 318 -0.52 -31.36 23.51
C LYS B 318 0.69 -31.75 24.33
N LYS B 319 1.86 -31.19 24.00
CA LYS B 319 3.13 -31.54 24.64
C LYS B 319 3.58 -30.45 25.60
N ASN B 320 2.64 -29.84 26.32
CA ASN B 320 2.97 -28.76 27.24
C ASN B 320 1.81 -28.48 28.19
N ALA B 325 0.36 -21.46 26.07
CA ALA B 325 1.54 -20.68 26.43
C ALA B 325 2.29 -20.22 25.18
N VAL B 326 2.13 -20.96 24.08
CA VAL B 326 2.80 -20.66 22.82
C VAL B 326 1.94 -19.72 22.01
N LYS B 327 2.57 -18.75 21.35
CA LYS B 327 1.88 -17.76 20.55
C LYS B 327 2.21 -17.94 19.08
N ALA B 328 1.24 -17.60 18.23
CA ALA B 328 1.38 -17.82 16.80
C ALA B 328 2.64 -17.17 16.24
N HIS B 329 2.91 -15.92 16.63
CA HIS B 329 4.01 -15.19 16.01
C HIS B 329 5.34 -15.90 16.25
N GLN B 330 5.42 -16.68 17.34
CA GLN B 330 6.64 -17.43 17.63
C GLN B 330 6.84 -18.59 16.65
N VAL B 331 5.76 -19.27 16.26
CA VAL B 331 5.86 -20.31 15.24
C VAL B 331 6.16 -19.67 13.89
N LYS B 332 5.47 -18.58 13.57
CA LYS B 332 5.61 -17.98 12.26
C LYS B 332 7.01 -17.47 12.03
N ASN B 333 7.71 -17.02 13.05
CA ASN B 333 9.00 -16.42 12.75
C ASN B 333 10.07 -17.45 12.45
N HIS B 334 9.76 -18.74 12.51
CA HIS B 334 10.66 -19.77 12.02
C HIS B 334 10.42 -20.17 10.58
N MET B 335 9.41 -19.57 9.92
CA MET B 335 8.93 -20.06 8.63
C MET B 335 9.43 -19.23 7.46
N TRP B 336 9.83 -19.92 6.39
CA TRP B 336 10.09 -19.32 5.08
C TRP B 336 9.14 -20.02 4.11
N ILE B 337 8.13 -19.31 3.63
CA ILE B 337 7.08 -19.92 2.82
C ILE B 337 7.13 -19.35 1.40
N PHE B 338 6.89 -20.22 0.43
CA PHE B 338 6.79 -19.86 -0.98
C PHE B 338 5.40 -20.26 -1.47
N VAL B 339 4.69 -19.33 -2.12
CA VAL B 339 3.31 -19.55 -2.54
C VAL B 339 3.14 -19.02 -3.95
N ASN B 340 2.64 -19.88 -4.86
CA ASN B 340 2.26 -19.46 -6.20
C ASN B 340 0.76 -19.70 -6.35
N ALA B 341 0.00 -18.63 -6.56
CA ALA B 341 -1.45 -18.72 -6.58
C ALA B 341 -2.08 -18.04 -7.78
N LEU B 342 -3.22 -18.61 -8.21
CA LEU B 342 -4.12 -17.98 -9.17
C LEU B 342 -5.42 -17.63 -8.43
N ILE B 343 -5.74 -16.32 -8.42
CA ILE B 343 -6.83 -15.73 -7.66
C ILE B 343 -7.76 -15.01 -8.62
N GLU B 344 -9.07 -15.20 -8.45
CA GLU B 344 -10.03 -14.51 -9.31
C GLU B 344 -10.18 -13.06 -8.87
N ASN B 345 -10.07 -12.14 -9.84
CA ASN B 345 -10.35 -10.72 -9.68
C ASN B 345 -9.78 -10.17 -8.36
N PRO B 346 -8.48 -10.29 -8.17
CA PRO B 346 -7.87 -9.84 -6.90
C PRO B 346 -7.96 -8.33 -6.70
N THR B 347 -7.88 -7.95 -5.43
CA THR B 347 -7.76 -6.57 -5.01
C THR B 347 -6.44 -6.39 -4.27
N PHE B 348 -5.94 -5.16 -4.28
CA PHE B 348 -4.67 -4.79 -3.67
C PHE B 348 -4.80 -3.39 -3.06
N ASP B 349 -3.82 -3.02 -2.22
CA ASP B 349 -3.81 -1.70 -1.60
C ASP B 349 -3.49 -0.58 -2.59
N SER B 350 -2.76 -0.90 -3.66
CA SER B 350 -2.21 0.13 -4.54
C SER B 350 -2.04 -0.45 -5.93
N GLN B 351 -1.79 0.46 -6.89
CA GLN B 351 -1.49 0.05 -8.25
C GLN B 351 -0.27 -0.86 -8.33
N THR B 352 0.68 -0.73 -7.39
CA THR B 352 1.89 -1.56 -7.48
C THR B 352 1.66 -3.01 -7.11
N LYS B 353 0.53 -3.33 -6.47
CA LYS B 353 0.05 -4.70 -6.24
CA LYS B 353 0.07 -4.70 -6.26
C LYS B 353 1.04 -5.53 -5.44
N GLU B 354 1.63 -4.92 -4.40
CA GLU B 354 2.52 -5.64 -3.49
C GLU B 354 1.77 -6.38 -2.39
N ASN B 355 0.54 -6.00 -2.06
CA ASN B 355 -0.22 -6.60 -0.97
C ASN B 355 -1.62 -6.94 -1.46
N MET B 356 -1.96 -8.23 -1.48
CA MET B 356 -3.21 -8.72 -2.03
C MET B 356 -4.24 -8.86 -0.91
N THR B 357 -5.32 -8.09 -0.99
CA THR B 357 -6.26 -7.87 0.11
C THR B 357 -7.58 -8.63 0.01
N LEU B 358 -7.79 -9.38 -1.06
CA LEU B 358 -9.06 -10.08 -1.27
C LEU B 358 -9.24 -11.18 -0.23
N GLN B 359 -10.45 -11.28 0.34
CA GLN B 359 -10.75 -12.31 1.33
C GLN B 359 -10.87 -13.69 0.69
N PRO B 360 -10.49 -14.74 1.43
CA PRO B 360 -10.52 -16.10 0.83
C PRO B 360 -11.87 -16.53 0.31
N LYS B 361 -12.97 -16.04 0.89
CA LYS B 361 -14.28 -16.43 0.38
C LYS B 361 -14.46 -16.05 -1.08
N SER B 362 -13.66 -15.11 -1.59
CA SER B 362 -13.77 -14.64 -2.96
C SER B 362 -12.68 -15.18 -3.89
N PHE B 363 -11.78 -16.05 -3.42
CA PHE B 363 -10.64 -16.47 -4.24
C PHE B 363 -11.07 -17.19 -5.52
N GLY B 364 -12.16 -17.96 -5.45
CA GLY B 364 -12.56 -18.82 -6.55
C GLY B 364 -11.99 -20.22 -6.49
N SER B 365 -11.24 -20.53 -5.45
CA SER B 365 -10.63 -21.83 -5.24
C SER B 365 -10.31 -21.91 -3.76
N THR B 366 -9.96 -23.11 -3.30
CA THR B 366 -9.47 -23.33 -1.95
C THR B 366 -8.05 -23.88 -2.01
N CYS B 367 -7.37 -23.85 -0.86
CA CYS B 367 -6.02 -24.38 -0.74
C CYS B 367 -5.91 -25.03 0.65
N GLN B 368 -6.49 -26.22 0.78
CA GLN B 368 -6.44 -27.00 2.01
C GLN B 368 -5.22 -27.90 1.91
N LEU B 369 -4.18 -27.59 2.68
CA LEU B 369 -2.97 -28.39 2.64
C LEU B 369 -3.26 -29.80 3.10
N SER B 370 -2.62 -30.78 2.46
CA SER B 370 -2.89 -32.18 2.76
C SER B 370 -2.40 -32.55 4.15
N GLU B 371 -2.99 -33.62 4.70
CA GLU B 371 -2.50 -34.13 5.98
C GLU B 371 -1.05 -34.57 5.87
N LYS B 372 -0.62 -35.05 4.70
CA LYS B 372 0.78 -35.40 4.50
C LYS B 372 1.68 -34.18 4.62
N PHE B 373 1.31 -33.09 3.94
CA PHE B 373 2.09 -31.87 4.04
C PHE B 373 2.15 -31.41 5.49
N ILE B 374 1.00 -31.41 6.17
CA ILE B 374 0.95 -30.93 7.55
C ILE B 374 1.80 -31.80 8.47
N LYS B 375 1.74 -33.13 8.30
CA LYS B 375 2.55 -34.01 9.14
C LYS B 375 4.03 -33.73 8.96
N ALA B 376 4.46 -33.52 7.71
CA ALA B 376 5.87 -33.22 7.47
C ALA B 376 6.25 -31.87 8.06
N ALA B 377 5.33 -30.90 8.04
CA ALA B 377 5.61 -29.61 8.65
C ALA B 377 5.76 -29.75 10.17
N ILE B 378 4.95 -30.62 10.78
CA ILE B 378 5.06 -30.87 12.21
C ILE B 378 6.44 -31.46 12.53
N GLY B 379 7.00 -32.22 11.60
CA GLY B 379 8.28 -32.87 11.80
C GLY B 379 9.49 -32.16 11.25
N CYS B 380 9.35 -30.91 10.84
CA CYS B 380 10.47 -30.18 10.26
C CYS B 380 11.36 -29.51 11.30
N GLY B 381 10.99 -29.56 12.58
CA GLY B 381 11.82 -29.05 13.66
C GLY B 381 11.30 -27.82 14.36
N ILE B 382 10.31 -27.12 13.79
CA ILE B 382 9.78 -25.94 14.44
C ILE B 382 9.12 -26.31 15.77
N VAL B 383 8.33 -27.39 15.78
CA VAL B 383 7.68 -27.82 17.01
C VAL B 383 8.70 -28.14 18.08
N GLU B 384 9.75 -28.88 17.71
CA GLU B 384 10.77 -29.27 18.67
C GLU B 384 11.46 -28.05 19.26
N SER B 385 11.85 -27.10 18.42
CA SER B 385 12.54 -25.90 18.90
C SER B 385 11.68 -25.14 19.89
N ILE B 386 10.44 -24.83 19.51
CA ILE B 386 9.56 -24.09 20.39
C ILE B 386 9.27 -24.88 21.66
N LEU B 387 9.06 -26.19 21.54
CA LEU B 387 8.76 -27.01 22.71
C LEU B 387 9.88 -26.90 23.74
N ASN B 388 11.13 -27.01 23.28
CA ASN B 388 12.26 -26.87 24.20
C ASN B 388 12.30 -25.48 24.82
N TRP B 389 11.88 -24.46 24.07
CA TRP B 389 11.89 -23.10 24.57
C TRP B 389 10.89 -22.90 25.71
N VAL B 390 9.66 -23.39 25.54
CA VAL B 390 8.61 -23.11 26.52
C VAL B 390 8.95 -23.76 27.87
N LYS B 391 9.23 -25.06 27.87
CA LYS B 391 9.57 -25.73 29.12
C LYS B 391 10.70 -25.02 29.85
N PHE B 392 11.64 -24.45 29.10
CA PHE B 392 12.72 -23.65 29.64
C PHE B 392 12.21 -22.28 30.07
#